data_5G5Y
#
_entry.id   5G5Y
#
_cell.length_a   66.070
_cell.length_b   72.170
_cell.length_c   77.660
_cell.angle_alpha   108.02
_cell.angle_beta   104.99
_cell.angle_gamma   92.49
#
_symmetry.space_group_name_H-M   'P 1'
#
loop_
_entity.id
_entity.type
_entity.pdbx_description
1 polymer 'ABC TRANSPORTER, SUBSTRATE-BINDING PROTEIN'
2 non-polymer 'CALCIUM ION'
3 non-polymer 'SULFATE ION'
4 non-polymer 'ZINC ION'
5 non-polymer GLYCEROL
6 water water
#
_entity_poly.entity_id   1
_entity_poly.type   'polypeptide(L)'
_entity_poly.pdbx_seq_one_letter_code
;GPKTLKFMTASSPLSPKDPNEKLILQRLEKETGVHIDWTNYQSDFAEKRNLDISSGDLPDAIHNDGASDVDLMNWAKKGV
IIPVEDLIDKYMPNLKKILDEKPEYKALMTAPDGHIYSFPWIEELGDGKESIHSVNDMAWINKDWLKKLGLEMPKTTDDL
IKVLEAFKNGDPNGNGEADEIPFSFISGNGNEDFKFLFAAFGIGDNDDHLVVGNDGKVDFTADNDNYKEGVKFIRQLQEK
GLIDKEAFEHDWNSYIAKGHDQKFGVYFTWDKNNVTGSNESYDVLPVLAGPSGQKHVARTNGMGFARDKMVITSVNKNLE
LTAKWIDAQYAPLQSVQNNWGTYGDDKQQNIFELDQASNSLKHLPLNGTAPAELRQKTEVGGPLAILDSYYGKVTTMPDD
AKWRLDLIKEYYVPYMSNVNNYPRVFMTQEDLDKIAHIEADMNDYIYRKRAEWIVNGNIDTEWDDYKKELEKYGLSDYLA
IKQKYYDQYQANKN
;
_entity_poly.pdbx_strand_id   A,B
#
# COMPACT_ATOMS: atom_id res chain seq x y z
N GLY A 1 -1.63 -34.74 -34.21
CA GLY A 1 -1.33 -33.59 -33.27
C GLY A 1 -2.45 -33.48 -32.23
N PRO A 2 -2.27 -32.63 -31.21
CA PRO A 2 -3.23 -32.55 -30.09
C PRO A 2 -4.62 -31.96 -30.41
N LYS A 3 -5.62 -32.36 -29.62
CA LYS A 3 -6.96 -31.71 -29.62
C LYS A 3 -6.80 -30.32 -28.99
N THR A 4 -7.78 -29.44 -29.12
CA THR A 4 -7.61 -28.07 -28.65
C THR A 4 -8.76 -27.57 -27.79
N LEU A 5 -8.46 -26.72 -26.82
CA LEU A 5 -9.52 -26.04 -26.10
C LEU A 5 -9.08 -24.61 -25.82
N LYS A 6 -10.03 -23.71 -25.74
CA LYS A 6 -9.74 -22.30 -25.42
C LYS A 6 -10.17 -22.01 -23.99
N PHE A 7 -9.22 -21.64 -23.15
CA PHE A 7 -9.47 -21.32 -21.74
C PHE A 7 -9.09 -19.88 -21.47
N MET A 8 -9.98 -19.14 -20.79
CA MET A 8 -9.60 -17.87 -20.16
C MET A 8 -8.96 -18.21 -18.82
N THR A 9 -7.93 -17.48 -18.44
CA THR A 9 -7.27 -17.70 -17.15
C THR A 9 -6.80 -16.41 -16.51
N ALA A 10 -6.47 -16.52 -15.23
CA ALA A 10 -5.89 -15.47 -14.45
C ALA A 10 -4.51 -15.95 -13.98
N SER A 11 -3.52 -15.09 -14.09
CA SER A 11 -2.18 -15.40 -13.60
C SER A 11 -1.49 -14.16 -13.09
N SER A 12 -0.41 -14.38 -12.37
CA SER A 12 0.42 -13.28 -11.85
C SER A 12 1.14 -12.56 -13.00
N PRO A 13 1.27 -11.22 -12.90
CA PRO A 13 2.09 -10.47 -13.88
C PRO A 13 3.55 -10.91 -13.91
N LEU A 14 4.05 -11.57 -12.87
CA LEU A 14 5.40 -12.13 -12.90
C LEU A 14 5.51 -13.36 -13.80
N SER A 15 4.37 -13.99 -14.12
CA SER A 15 4.38 -15.20 -14.97
C SER A 15 4.35 -14.84 -16.45
N PRO A 16 4.67 -15.80 -17.34
CA PRO A 16 4.71 -15.48 -18.77
C PRO A 16 3.38 -15.07 -19.36
N LYS A 17 3.38 -14.20 -20.36
CA LYS A 17 2.10 -13.79 -20.99
C LYS A 17 1.34 -15.00 -21.58
N ASP A 18 2.08 -15.93 -22.17
CA ASP A 18 1.51 -17.19 -22.64
C ASP A 18 1.74 -18.24 -21.55
N PRO A 19 0.66 -18.73 -20.91
CA PRO A 19 0.83 -19.78 -19.89
C PRO A 19 1.54 -21.05 -20.38
N ASN A 20 1.45 -21.36 -21.67
CA ASN A 20 2.14 -22.52 -22.20
C ASN A 20 3.68 -22.44 -22.10
N GLU A 21 4.23 -21.30 -21.74
CA GLU A 21 5.66 -21.17 -21.40
C GLU A 21 6.02 -21.67 -19.97
N LYS A 22 5.01 -22.02 -19.17
CA LYS A 22 5.22 -22.68 -17.87
C LYS A 22 5.51 -24.18 -18.06
N LEU A 23 6.52 -24.65 -17.33
CA LEU A 23 6.93 -26.05 -17.36
C LEU A 23 5.78 -27.03 -17.01
N ILE A 24 4.98 -26.68 -16.02
CA ILE A 24 3.81 -27.52 -15.68
C ILE A 24 2.90 -27.71 -16.89
N LEU A 25 2.60 -26.66 -17.63
CA LEU A 25 1.65 -26.82 -18.73
C LEU A 25 2.25 -27.51 -19.96
N GLN A 26 3.56 -27.37 -20.14
CA GLN A 26 4.33 -28.08 -21.18
C GLN A 26 4.29 -29.58 -20.97
N ARG A 27 4.54 -30.00 -19.73
CA ARG A 27 4.42 -31.41 -19.36
C ARG A 27 2.98 -31.91 -19.46
N LEU A 28 2.03 -31.10 -18.97
CA LEU A 28 0.65 -31.46 -19.06
C LEU A 28 0.17 -31.72 -20.49
N GLU A 29 0.53 -30.86 -21.44
CA GLU A 29 0.11 -31.06 -22.81
C GLU A 29 0.66 -32.38 -23.36
N LYS A 30 1.89 -32.73 -23.02
CA LYS A 30 2.44 -34.01 -23.45
C LYS A 30 1.61 -35.17 -22.93
N GLU A 31 1.14 -35.05 -21.69
CA GLU A 31 0.41 -36.12 -21.04
C GLU A 31 -1.02 -36.17 -21.47
N THR A 32 -1.69 -35.03 -21.63
CA THR A 32 -3.11 -35.02 -21.97
C THR A 32 -3.41 -35.12 -23.49
N GLY A 33 -2.45 -34.71 -24.32
CA GLY A 33 -2.70 -34.57 -25.76
C GLY A 33 -3.61 -33.41 -26.10
N VAL A 34 -3.73 -32.41 -25.20
CA VAL A 34 -4.60 -31.29 -25.42
C VAL A 34 -3.80 -29.99 -25.39
N HIS A 35 -3.93 -29.21 -26.45
CA HIS A 35 -3.29 -27.90 -26.53
C HIS A 35 -4.29 -26.87 -26.05
N ILE A 36 -3.96 -26.13 -25.00
CA ILE A 36 -4.78 -25.04 -24.52
C ILE A 36 -4.36 -23.73 -25.17
N ASP A 37 -5.32 -23.08 -25.79
CA ASP A 37 -5.15 -21.75 -26.29
C ASP A 37 -5.64 -20.79 -25.21
N TRP A 38 -4.70 -20.14 -24.53
CA TRP A 38 -5.04 -19.34 -23.35
C TRP A 38 -5.39 -17.91 -23.68
N THR A 39 -6.41 -17.40 -22.97
CA THR A 39 -6.66 -15.95 -22.88
C THR A 39 -6.26 -15.62 -21.47
N ASN A 40 -5.09 -15.02 -21.31
CA ASN A 40 -4.49 -14.85 -20.01
C ASN A 40 -4.55 -13.41 -19.53
N TYR A 41 -5.42 -13.14 -18.54
CA TYR A 41 -5.52 -11.81 -17.96
C TYR A 41 -4.73 -11.71 -16.67
N GLN A 42 -3.72 -10.84 -16.69
CA GLN A 42 -2.76 -10.75 -15.61
C GLN A 42 -3.03 -9.58 -14.68
N SER A 43 -4.05 -8.79 -14.95
CA SER A 43 -4.47 -7.71 -14.08
C SER A 43 -5.92 -7.45 -14.42
N ASP A 44 -6.68 -6.97 -13.46
CA ASP A 44 -8.10 -6.68 -13.63
C ASP A 44 -8.86 -7.87 -14.20
N PHE A 45 -8.52 -9.08 -13.74
CA PHE A 45 -9.15 -10.29 -14.32
C PHE A 45 -10.68 -10.22 -14.32
N ALA A 46 -11.25 -9.87 -13.18
CA ALA A 46 -12.71 -9.90 -13.01
C ALA A 46 -13.42 -8.98 -14.02
N GLU A 47 -12.89 -7.77 -14.20
CA GLU A 47 -13.47 -6.86 -15.18
C GLU A 47 -13.34 -7.36 -16.63
N LYS A 48 -12.15 -7.86 -16.97
CA LYS A 48 -11.90 -8.37 -18.31
C LYS A 48 -12.77 -9.59 -18.61
N ARG A 49 -12.89 -10.49 -17.63
CA ARG A 49 -13.81 -11.63 -17.73
C ARG A 49 -15.25 -11.19 -17.92
N ASN A 50 -15.72 -10.24 -17.11
CA ASN A 50 -17.11 -9.75 -17.23
C ASN A 50 -17.42 -9.09 -18.59
N LEU A 51 -16.46 -8.38 -19.17
CA LEU A 51 -16.64 -7.80 -20.53
C LEU A 51 -16.75 -8.87 -21.60
N ASP A 52 -15.95 -9.92 -21.46
CA ASP A 52 -16.06 -11.08 -22.35
C ASP A 52 -17.41 -11.78 -22.27
N ILE A 53 -17.93 -11.96 -21.07
CA ILE A 53 -19.24 -12.57 -20.87
C ILE A 53 -20.35 -11.69 -21.49
N SER A 54 -20.37 -10.40 -21.17
CA SER A 54 -21.41 -9.52 -21.73
C SER A 54 -21.31 -9.36 -23.27
N SER A 55 -20.13 -9.48 -23.86
CA SER A 55 -19.99 -9.47 -25.33
C SER A 55 -20.39 -10.79 -26.02
N GLY A 56 -20.34 -11.92 -25.30
CA GLY A 56 -20.53 -13.23 -25.92
C GLY A 56 -19.26 -13.81 -26.50
N ASP A 57 -18.12 -13.17 -26.22
CA ASP A 57 -16.81 -13.72 -26.55
C ASP A 57 -16.40 -14.74 -25.44
N LEU A 58 -17.08 -15.88 -25.41
CA LEU A 58 -16.88 -16.87 -24.34
C LEU A 58 -15.82 -17.89 -24.77
N PRO A 59 -14.95 -18.29 -23.80
CA PRO A 59 -14.03 -19.39 -24.04
C PRO A 59 -14.77 -20.71 -23.81
N ASP A 60 -14.08 -21.83 -23.94
CA ASP A 60 -14.66 -23.15 -23.60
C ASP A 60 -14.83 -23.31 -22.08
N ALA A 61 -13.96 -22.64 -21.32
CA ALA A 61 -13.96 -22.68 -19.84
C ALA A 61 -13.21 -21.48 -19.30
N ILE A 62 -13.49 -21.11 -18.04
CA ILE A 62 -12.77 -20.03 -17.37
C ILE A 62 -12.01 -20.73 -16.24
N HIS A 63 -10.69 -20.69 -16.33
CA HIS A 63 -9.74 -21.37 -15.46
C HIS A 63 -9.20 -20.39 -14.43
N ASN A 64 -9.07 -20.82 -13.19
CA ASN A 64 -8.55 -19.99 -12.10
C ASN A 64 -9.45 -18.79 -11.85
N ASP A 65 -10.73 -19.04 -11.92
CA ASP A 65 -11.76 -18.02 -11.99
C ASP A 65 -12.06 -17.21 -10.72
N GLY A 66 -12.07 -17.87 -9.58
CA GLY A 66 -12.42 -17.19 -8.29
C GLY A 66 -13.74 -16.40 -8.15
N ALA A 67 -14.81 -16.76 -8.85
CA ALA A 67 -16.04 -15.97 -8.78
C ALA A 67 -16.78 -16.11 -7.44
N SER A 68 -17.59 -15.10 -7.10
CA SER A 68 -18.47 -15.15 -5.94
C SER A 68 -19.70 -16.06 -6.20
N ASP A 69 -20.36 -16.48 -5.12
CA ASP A 69 -21.58 -17.27 -5.20
C ASP A 69 -22.68 -16.55 -5.98
N VAL A 70 -22.78 -15.25 -5.75
CA VAL A 70 -23.69 -14.38 -6.51
C VAL A 70 -23.45 -14.48 -8.01
N ASP A 71 -22.18 -14.36 -8.41
CA ASP A 71 -21.74 -14.48 -9.82
C ASP A 71 -22.11 -15.84 -10.37
N LEU A 72 -21.76 -16.92 -9.67
CA LEU A 72 -22.08 -18.28 -10.17
C LEU A 72 -23.56 -18.45 -10.44
N MET A 73 -24.39 -18.00 -9.49
CA MET A 73 -25.85 -18.05 -9.63
C MET A 73 -26.38 -17.26 -10.82
N ASN A 74 -25.88 -16.04 -10.98
CA ASN A 74 -26.26 -15.25 -12.14
C ASN A 74 -25.88 -15.97 -13.44
N TRP A 75 -24.65 -16.47 -13.53
CA TRP A 75 -24.20 -17.13 -14.75
C TRP A 75 -24.98 -18.40 -15.06
N ALA A 76 -25.30 -19.16 -14.01
CA ALA A 76 -26.13 -20.36 -14.15
C ALA A 76 -27.53 -20.02 -14.64
N LYS A 77 -28.14 -19.03 -13.98
CA LYS A 77 -29.50 -18.56 -14.32
C LYS A 77 -29.59 -18.07 -15.78
N LYS A 78 -28.59 -17.30 -16.22
CA LYS A 78 -28.51 -16.85 -17.60
C LYS A 78 -27.98 -17.89 -18.60
N GLY A 79 -27.60 -19.08 -18.16
CA GLY A 79 -27.07 -20.11 -19.06
C GLY A 79 -25.67 -19.81 -19.62
N VAL A 80 -24.91 -18.95 -18.96
CA VAL A 80 -23.50 -18.71 -19.35
C VAL A 80 -22.62 -19.93 -19.01
N ILE A 81 -22.87 -20.52 -17.86
CA ILE A 81 -22.13 -21.71 -17.43
C ILE A 81 -23.11 -22.85 -17.32
N ILE A 82 -22.60 -24.07 -17.31
CA ILE A 82 -23.44 -25.26 -17.28
C ILE A 82 -23.25 -26.07 -15.98
N PRO A 83 -24.28 -26.87 -15.63
CA PRO A 83 -24.10 -27.83 -14.56
C PRO A 83 -23.10 -28.92 -14.96
N VAL A 84 -22.27 -29.36 -14.03
CA VAL A 84 -21.19 -30.31 -14.30
C VAL A 84 -21.25 -31.61 -13.48
N GLU A 85 -22.27 -31.80 -12.64
CA GLU A 85 -22.33 -32.99 -11.77
C GLU A 85 -22.28 -34.30 -12.57
N ASP A 86 -22.90 -34.34 -13.74
CA ASP A 86 -22.93 -35.56 -14.57
C ASP A 86 -21.57 -35.84 -15.20
N LEU A 87 -20.83 -34.78 -15.50
CA LEU A 87 -19.49 -34.88 -16.06
C LEU A 87 -18.54 -35.42 -14.99
N ILE A 88 -18.76 -35.05 -13.73
CA ILE A 88 -17.94 -35.59 -12.64
C ILE A 88 -18.11 -37.09 -12.57
N ASP A 89 -19.35 -37.52 -12.45
CA ASP A 89 -19.69 -38.90 -12.34
C ASP A 89 -19.18 -39.76 -13.51
N LYS A 90 -19.32 -39.28 -14.73
CA LYS A 90 -18.99 -40.07 -15.92
C LYS A 90 -17.51 -40.09 -16.23
N TYR A 91 -16.82 -38.98 -15.98
CA TYR A 91 -15.48 -38.77 -16.57
C TYR A 91 -14.36 -38.39 -15.62
N MET A 92 -14.66 -38.28 -14.31
CA MET A 92 -13.68 -37.63 -13.43
C MET A 92 -13.33 -38.50 -12.19
N PRO A 93 -12.67 -39.67 -12.43
CA PRO A 93 -12.34 -40.57 -11.30
C PRO A 93 -11.43 -39.95 -10.19
N ASN A 94 -10.50 -39.06 -10.55
CA ASN A 94 -9.65 -38.43 -9.50
C ASN A 94 -10.52 -37.59 -8.54
N LEU A 95 -11.37 -36.75 -9.09
CA LEU A 95 -12.26 -35.92 -8.31
C LEU A 95 -13.28 -36.80 -7.57
N LYS A 96 -13.76 -37.86 -8.21
CA LYS A 96 -14.68 -38.77 -7.49
C LYS A 96 -14.02 -39.44 -6.26
N LYS A 97 -12.73 -39.77 -6.36
CA LYS A 97 -12.01 -40.35 -5.24
C LYS A 97 -11.86 -39.36 -4.05
N ILE A 98 -11.59 -38.11 -4.36
CA ILE A 98 -11.56 -37.03 -3.36
C ILE A 98 -12.92 -36.91 -2.67
N LEU A 99 -14.01 -36.86 -3.46
CA LEU A 99 -15.35 -36.69 -2.93
C LEU A 99 -15.86 -37.90 -2.14
N ASP A 100 -15.37 -39.08 -2.50
CA ASP A 100 -15.58 -40.28 -1.73
C ASP A 100 -14.84 -40.27 -0.38
N GLU A 101 -13.58 -39.83 -0.33
CA GLU A 101 -12.81 -39.73 0.92
C GLU A 101 -13.37 -38.59 1.80
N LYS A 102 -13.83 -37.50 1.17
CA LYS A 102 -14.26 -36.29 1.86
C LYS A 102 -15.58 -35.82 1.32
N PRO A 103 -16.67 -36.53 1.65
CA PRO A 103 -17.97 -36.17 1.11
C PRO A 103 -18.50 -34.81 1.53
N GLU A 104 -17.94 -34.20 2.58
CA GLU A 104 -18.32 -32.84 2.92
C GLU A 104 -18.10 -31.87 1.76
N TYR A 105 -17.07 -32.10 0.93
CA TYR A 105 -16.81 -31.17 -0.16
C TYR A 105 -17.89 -31.25 -1.21
N LYS A 106 -18.49 -32.42 -1.40
CA LYS A 106 -19.58 -32.54 -2.35
C LYS A 106 -20.74 -31.65 -1.96
N ALA A 107 -21.06 -31.61 -0.67
CA ALA A 107 -22.12 -30.74 -0.17
C ALA A 107 -21.77 -29.26 -0.41
N LEU A 108 -20.52 -28.90 -0.20
CA LEU A 108 -20.09 -27.49 -0.41
C LEU A 108 -20.13 -27.08 -1.89
N MET A 109 -19.99 -28.06 -2.80
CA MET A 109 -19.96 -27.82 -4.22
C MET A 109 -21.35 -27.67 -4.82
N THR A 110 -22.37 -28.14 -4.11
CA THR A 110 -23.72 -28.30 -4.68
C THR A 110 -24.60 -27.11 -4.36
N ALA A 111 -25.19 -26.49 -5.39
CA ALA A 111 -26.09 -25.35 -5.21
C ALA A 111 -27.42 -25.81 -4.60
N PRO A 112 -28.19 -24.89 -3.99
CA PRO A 112 -29.44 -25.44 -3.45
C PRO A 112 -30.41 -26.02 -4.52
N ASP A 113 -30.27 -25.69 -5.80
CA ASP A 113 -31.07 -26.36 -6.86
C ASP A 113 -30.66 -27.83 -7.14
N GLY A 114 -29.61 -28.33 -6.46
CA GLY A 114 -29.12 -29.67 -6.68
C GLY A 114 -28.02 -29.81 -7.73
N HIS A 115 -27.65 -28.73 -8.44
CA HIS A 115 -26.58 -28.78 -9.43
C HIS A 115 -25.20 -28.38 -8.86
N ILE A 116 -24.14 -28.84 -9.53
CA ILE A 116 -22.78 -28.34 -9.27
C ILE A 116 -22.41 -27.49 -10.48
N TYR A 117 -21.94 -26.25 -10.24
CA TYR A 117 -21.61 -25.31 -11.32
C TYR A 117 -20.14 -24.98 -11.49
N SER A 118 -19.27 -25.51 -10.62
CA SER A 118 -17.88 -25.10 -10.64
C SER A 118 -17.03 -26.15 -10.00
N PHE A 119 -15.74 -26.10 -10.27
CA PHE A 119 -14.79 -27.03 -9.68
C PHE A 119 -13.90 -26.30 -8.66
N PRO A 120 -13.73 -26.89 -7.46
CA PRO A 120 -13.14 -26.16 -6.37
C PRO A 120 -11.63 -26.24 -6.30
N TRP A 121 -11.09 -25.29 -5.58
CA TRP A 121 -9.74 -25.39 -4.97
C TRP A 121 -9.92 -25.88 -3.54
N ILE A 122 -9.20 -26.96 -3.21
CA ILE A 122 -9.16 -27.52 -1.88
C ILE A 122 -7.69 -27.60 -1.43
N GLU A 123 -7.38 -26.97 -0.30
CA GLU A 123 -6.05 -27.05 0.29
C GLU A 123 -6.18 -27.32 1.78
N GLU A 124 -6.00 -28.57 2.18
CA GLU A 124 -6.02 -28.92 3.61
C GLU A 124 -4.60 -28.80 4.17
N LEU A 125 -4.43 -27.92 5.15
CA LEU A 125 -3.18 -27.85 5.96
C LEU A 125 -3.62 -28.09 7.38
N GLY A 126 -3.65 -29.37 7.74
CA GLY A 126 -4.34 -29.83 8.89
C GLY A 126 -5.81 -30.07 8.67
N ASP A 127 -6.40 -30.95 9.46
CA ASP A 127 -7.84 -31.31 9.39
C ASP A 127 -8.58 -30.89 10.64
N GLY A 128 -9.87 -30.58 10.51
CA GLY A 128 -10.75 -30.23 11.61
C GLY A 128 -10.11 -29.17 12.50
N LYS A 129 -10.07 -29.44 13.80
CA LYS A 129 -9.56 -28.46 14.78
C LYS A 129 -8.10 -28.10 14.52
N GLU A 130 -7.36 -29.02 13.91
CA GLU A 130 -5.94 -28.84 13.66
C GLU A 130 -5.64 -28.03 12.41
N SER A 131 -6.67 -27.61 11.66
CA SER A 131 -6.47 -26.81 10.46
C SER A 131 -5.68 -25.55 10.81
N ILE A 132 -4.78 -25.18 9.91
CA ILE A 132 -4.02 -23.93 10.04
C ILE A 132 -4.92 -22.70 10.13
N HIS A 133 -6.14 -22.83 9.61
CA HIS A 133 -7.11 -21.79 9.62
C HIS A 133 -7.88 -21.58 10.92
N SER A 134 -7.76 -22.52 11.86
CA SER A 134 -8.57 -22.53 13.08
C SER A 134 -8.41 -21.28 13.94
N VAL A 135 -7.20 -20.71 13.95
CA VAL A 135 -6.91 -19.44 14.66
C VAL A 135 -6.18 -18.60 13.66
N ASN A 136 -6.65 -17.39 13.42
CA ASN A 136 -6.00 -16.47 12.49
C ASN A 136 -5.16 -15.41 13.22
N ASP A 137 -5.72 -14.82 14.27
CA ASP A 137 -5.10 -13.72 15.00
C ASP A 137 -4.39 -14.17 16.28
N MET A 138 -3.30 -14.91 16.12
CA MET A 138 -2.54 -15.45 17.24
C MET A 138 -1.93 -14.29 18.04
N ALA A 139 -1.87 -14.46 19.37
CA ALA A 139 -1.25 -13.48 20.28
C ALA A 139 0.19 -13.91 20.51
N TRP A 140 1.09 -12.93 20.48
CA TRP A 140 2.53 -13.14 20.64
C TRP A 140 3.02 -12.23 21.74
N ILE A 141 4.00 -12.70 22.51
CA ILE A 141 4.49 -11.94 23.64
C ILE A 141 6.03 -11.84 23.60
N ASN A 142 6.56 -10.72 24.10
CA ASN A 142 8.00 -10.49 24.21
C ASN A 142 8.65 -11.23 25.39
N LYS A 143 9.22 -12.39 25.06
CA LYS A 143 9.92 -13.22 26.04
C LYS A 143 11.24 -12.62 26.58
N ASP A 144 11.93 -11.80 25.78
CA ASP A 144 13.08 -11.01 26.24
C ASP A 144 12.66 -10.14 27.43
N TRP A 145 11.58 -9.39 27.27
CA TRP A 145 11.05 -8.52 28.36
C TRP A 145 10.65 -9.30 29.62
N LEU A 146 9.96 -10.43 29.44
CA LEU A 146 9.58 -11.29 30.57
C LEU A 146 10.82 -11.76 31.38
N LYS A 147 11.86 -12.19 30.68
CA LYS A 147 13.15 -12.62 31.31
C LYS A 147 13.85 -11.46 32.03
N LYS A 148 14.04 -10.35 31.32
CA LYS A 148 14.65 -9.15 31.88
C LYS A 148 13.97 -8.71 33.18
N LEU A 149 12.62 -8.68 33.21
CA LEU A 149 11.88 -8.30 34.42
C LEU A 149 11.68 -9.44 35.40
N GLY A 150 12.12 -10.64 35.05
CA GLY A 150 11.97 -11.80 35.94
C GLY A 150 10.52 -12.18 36.20
N LEU A 151 9.70 -12.12 35.14
CA LEU A 151 8.27 -12.46 35.22
C LEU A 151 8.00 -13.82 34.60
N GLU A 152 7.04 -14.55 35.16
CA GLU A 152 6.55 -15.80 34.61
C GLU A 152 5.61 -15.47 33.44
N MET A 153 5.51 -16.38 32.47
CA MET A 153 4.49 -16.26 31.43
C MET A 153 3.10 -16.20 32.09
N PRO A 154 2.25 -15.23 31.72
CA PRO A 154 0.92 -15.19 32.34
C PRO A 154 0.10 -16.42 32.06
N LYS A 155 -0.67 -16.85 33.06
CA LYS A 155 -1.58 -17.96 32.95
C LYS A 155 -3.06 -17.53 32.90
N THR A 156 -3.37 -16.34 33.41
CA THR A 156 -4.72 -15.82 33.53
C THR A 156 -4.78 -14.43 32.93
N THR A 157 -6.00 -13.97 32.65
CA THR A 157 -6.20 -12.61 32.18
C THR A 157 -5.72 -11.56 33.21
N ASP A 158 -5.91 -11.85 34.49
CA ASP A 158 -5.42 -10.94 35.56
C ASP A 158 -3.87 -10.90 35.59
N ASP A 159 -3.21 -12.05 35.40
CA ASP A 159 -1.73 -12.09 35.23
C ASP A 159 -1.26 -11.25 34.08
N LEU A 160 -2.00 -11.31 32.97
CA LEU A 160 -1.65 -10.54 31.79
C LEU A 160 -1.69 -9.05 32.12
N ILE A 161 -2.71 -8.59 32.82
CA ILE A 161 -2.74 -7.18 33.20
C ILE A 161 -1.43 -6.81 33.98
N LYS A 162 -1.03 -7.64 34.95
CA LYS A 162 0.18 -7.40 35.78
C LYS A 162 1.45 -7.38 34.94
N VAL A 163 1.57 -8.32 34.02
CA VAL A 163 2.68 -8.31 33.07
C VAL A 163 2.72 -7.08 32.17
N LEU A 164 1.56 -6.68 31.64
CA LEU A 164 1.55 -5.50 30.79
C LEU A 164 1.94 -4.22 31.58
N GLU A 165 1.51 -4.13 32.83
CA GLU A 165 1.89 -2.97 33.69
C GLU A 165 3.39 -2.92 33.94
N ALA A 166 3.97 -4.09 34.15
CA ALA A 166 5.46 -4.23 34.27
C ALA A 166 6.18 -3.85 32.98
N PHE A 167 5.63 -4.28 31.83
CA PHE A 167 6.14 -3.81 30.54
C PHE A 167 6.00 -2.29 30.39
N LYS A 168 4.89 -1.74 30.85
CA LYS A 168 4.66 -0.29 30.72
C LYS A 168 5.69 0.51 31.54
N ASN A 169 5.86 0.13 32.79
CA ASN A 169 6.60 0.93 33.79
C ASN A 169 8.01 0.45 34.06
N GLY A 170 8.35 -0.78 33.64
CA GLY A 170 9.60 -1.42 34.06
C GLY A 170 10.78 -1.22 33.14
N ASP A 171 10.60 -0.53 32.03
CA ASP A 171 11.65 -0.33 31.04
C ASP A 171 12.44 -1.64 30.72
N PRO A 172 11.73 -2.68 30.25
CA PRO A 172 12.44 -3.95 29.97
C PRO A 172 13.50 -3.87 28.86
N ASN A 173 13.38 -2.96 27.90
CA ASN A 173 14.45 -2.83 26.90
C ASN A 173 15.65 -1.97 27.39
N GLY A 174 15.60 -1.49 28.64
CA GLY A 174 16.77 -0.93 29.31
C GLY A 174 17.29 0.40 28.81
N ASN A 175 16.50 1.15 28.03
CA ASN A 175 16.95 2.44 27.48
C ASN A 175 16.52 3.67 28.31
N GLY A 176 16.10 3.46 29.57
CA GLY A 176 15.58 4.54 30.43
C GLY A 176 14.39 5.36 29.92
N GLU A 177 13.68 4.88 28.88
CA GLU A 177 12.51 5.58 28.32
C GLU A 177 11.25 4.74 28.47
N ALA A 178 10.09 5.40 28.49
CA ALA A 178 8.79 4.74 28.48
C ALA A 178 8.32 4.59 27.02
N ASP A 179 9.10 3.82 26.26
CA ASP A 179 8.84 3.57 24.85
C ASP A 179 8.09 2.24 24.59
N GLU A 180 8.05 1.38 25.61
CA GLU A 180 7.38 0.08 25.50
C GLU A 180 5.87 0.29 25.26
N ILE A 181 5.34 -0.38 24.24
CA ILE A 181 3.91 -0.39 23.93
C ILE A 181 3.43 -1.75 24.44
N PRO A 182 2.76 -1.77 25.59
CA PRO A 182 2.45 -3.09 26.16
C PRO A 182 1.59 -4.00 25.29
N PHE A 183 0.54 -3.44 24.69
CA PHE A 183 -0.50 -4.23 23.98
C PHE A 183 -0.89 -3.51 22.70
N SER A 184 -0.81 -4.17 21.54
CA SER A 184 -1.18 -3.57 20.28
C SER A 184 -1.90 -4.55 19.38
N PHE A 185 -2.61 -3.99 18.41
CA PHE A 185 -3.41 -4.73 17.46
C PHE A 185 -3.81 -3.77 16.40
N ILE A 186 -4.31 -4.32 15.30
CA ILE A 186 -5.03 -3.57 14.27
C ILE A 186 -6.48 -3.98 14.41
N SER A 187 -7.30 -3.04 14.84
CA SER A 187 -8.71 -3.32 15.14
C SER A 187 -9.61 -3.65 13.94
N GLY A 188 -10.44 -4.68 14.11
CA GLY A 188 -11.45 -5.03 13.16
C GLY A 188 -11.35 -6.48 12.71
N ASN A 189 -11.71 -6.74 11.46
CA ASN A 189 -11.51 -8.07 10.92
C ASN A 189 -9.99 -8.31 10.73
N GLY A 190 -9.63 -9.58 10.77
CA GLY A 190 -8.37 -10.06 10.26
C GLY A 190 -7.35 -10.46 11.30
N ASN A 191 -6.13 -10.67 10.81
CA ASN A 191 -5.12 -11.40 11.58
C ASN A 191 -4.48 -10.65 12.74
N GLU A 192 -4.68 -9.35 12.80
CA GLU A 192 -4.05 -8.46 13.76
C GLU A 192 -5.02 -7.93 14.82
N ASP A 193 -6.24 -8.43 14.85
CA ASP A 193 -7.22 -8.03 15.83
C ASP A 193 -7.04 -8.79 17.16
N PHE A 194 -7.57 -8.23 18.26
CA PHE A 194 -7.45 -8.82 19.58
C PHE A 194 -8.51 -9.88 19.94
N LYS A 195 -9.49 -10.11 19.06
CA LYS A 195 -10.71 -10.86 19.44
C LYS A 195 -10.40 -12.32 19.90
N PHE A 196 -9.25 -12.87 19.50
CA PHE A 196 -8.75 -14.14 20.07
C PHE A 196 -8.89 -14.26 21.61
N LEU A 197 -8.67 -13.15 22.32
CA LEU A 197 -8.68 -13.18 23.80
C LEU A 197 -10.08 -13.31 24.38
N PHE A 198 -11.13 -13.04 23.60
CA PHE A 198 -12.50 -13.07 24.15
C PHE A 198 -12.91 -14.42 24.70
N ALA A 199 -12.35 -15.49 24.12
CA ALA A 199 -12.65 -16.85 24.52
C ALA A 199 -12.21 -17.18 25.95
N ALA A 200 -11.29 -16.38 26.51
CA ALA A 200 -11.01 -16.45 27.94
C ALA A 200 -12.23 -16.21 28.81
N PHE A 201 -13.28 -15.58 28.25
CA PHE A 201 -14.49 -15.23 28.99
C PHE A 201 -15.62 -16.17 28.66
N GLY A 202 -15.30 -17.24 27.94
CA GLY A 202 -16.30 -18.14 27.46
C GLY A 202 -16.73 -17.80 26.06
N ILE A 203 -16.84 -18.84 25.21
CA ILE A 203 -17.40 -18.75 23.85
C ILE A 203 -16.51 -18.03 22.85
N GLY A 204 -16.22 -16.76 23.13
CA GLY A 204 -15.29 -16.02 22.32
C GLY A 204 -15.91 -15.42 21.08
N ASP A 205 -15.09 -15.20 20.07
CA ASP A 205 -15.46 -14.39 18.90
C ASP A 205 -14.63 -14.78 17.67
N ASN A 206 -15.13 -14.46 16.49
CA ASN A 206 -14.33 -14.59 15.28
C ASN A 206 -14.81 -13.56 14.27
N ASP A 207 -14.17 -13.50 13.11
CA ASP A 207 -14.48 -12.43 12.12
C ASP A 207 -15.90 -12.52 11.58
N ASP A 208 -16.54 -13.68 11.64
CA ASP A 208 -17.97 -13.81 11.27
C ASP A 208 -18.94 -13.55 12.45
N HIS A 209 -18.39 -13.37 13.65
CA HIS A 209 -19.17 -13.33 14.89
C HIS A 209 -20.13 -14.51 14.99
N LEU A 210 -19.70 -15.67 14.52
CA LEU A 210 -20.57 -16.83 14.47
C LEU A 210 -19.81 -18.11 14.79
N VAL A 211 -20.26 -18.77 15.88
CA VAL A 211 -19.77 -20.13 16.22
C VAL A 211 -20.93 -21.13 16.18
N VAL A 212 -20.60 -22.42 16.32
CA VAL A 212 -21.61 -23.48 16.34
C VAL A 212 -21.44 -24.22 17.63
N GLY A 213 -22.46 -24.17 18.49
CA GLY A 213 -22.44 -24.82 19.79
C GLY A 213 -22.57 -26.31 19.69
N ASN A 214 -22.09 -27.02 20.70
CA ASN A 214 -22.18 -28.49 20.69
C ASN A 214 -23.65 -29.03 20.79
N ASP A 215 -24.60 -28.14 21.02
CA ASP A 215 -26.03 -28.47 20.80
C ASP A 215 -26.51 -28.38 19.34
N GLY A 216 -25.65 -27.98 18.42
CA GLY A 216 -26.02 -27.90 17.00
C GLY A 216 -26.63 -26.56 16.65
N LYS A 217 -26.59 -25.60 17.57
CA LYS A 217 -27.17 -24.28 17.36
C LYS A 217 -26.12 -23.25 17.06
N VAL A 218 -26.37 -22.49 16.01
CA VAL A 218 -25.46 -21.44 15.59
C VAL A 218 -25.58 -20.35 16.66
N ASP A 219 -24.49 -19.72 17.03
CA ASP A 219 -24.48 -18.66 18.05
C ASP A 219 -23.78 -17.41 17.55
N PHE A 220 -24.51 -16.28 17.58
CA PHE A 220 -23.93 -14.98 17.24
C PHE A 220 -23.12 -14.52 18.44
N THR A 221 -21.82 -14.32 18.27
CA THR A 221 -20.96 -14.11 19.41
C THR A 221 -21.04 -12.70 19.98
N ALA A 222 -21.41 -11.73 19.16
CA ALA A 222 -21.32 -10.36 19.58
C ALA A 222 -22.55 -9.78 20.31
N ASP A 223 -23.52 -10.61 20.68
CA ASP A 223 -24.57 -10.21 21.66
C ASP A 223 -24.57 -11.07 22.93
N ASN A 224 -23.48 -11.80 23.20
CA ASN A 224 -23.38 -12.67 24.38
C ASN A 224 -22.85 -11.85 25.58
N ASP A 225 -23.32 -12.16 26.78
CA ASP A 225 -22.73 -11.61 28.00
C ASP A 225 -21.22 -11.81 28.03
N ASN A 226 -20.74 -12.93 27.47
CA ASN A 226 -19.29 -13.24 27.43
C ASN A 226 -18.51 -12.23 26.64
N TYR A 227 -19.11 -11.76 25.55
CA TYR A 227 -18.50 -10.80 24.68
C TYR A 227 -18.37 -9.44 25.39
N LYS A 228 -19.44 -9.07 26.11
CA LYS A 228 -19.42 -7.86 26.95
C LYS A 228 -18.26 -7.92 27.97
N GLU A 229 -18.07 -9.07 28.63
CA GLU A 229 -16.96 -9.24 29.55
C GLU A 229 -15.60 -9.10 28.87
N GLY A 230 -15.46 -9.63 27.65
CA GLY A 230 -14.27 -9.43 26.85
C GLY A 230 -14.00 -7.98 26.58
N VAL A 231 -15.03 -7.27 26.16
CA VAL A 231 -14.90 -5.86 25.89
C VAL A 231 -14.48 -5.10 27.15
N LYS A 232 -15.09 -5.45 28.28
CA LYS A 232 -14.79 -4.81 29.56
C LYS A 232 -13.33 -5.07 29.93
N PHE A 233 -12.81 -6.22 29.54
CA PHE A 233 -11.38 -6.52 29.78
C PHE A 233 -10.45 -5.61 28.96
N ILE A 234 -10.73 -5.47 27.67
CA ILE A 234 -9.90 -4.62 26.83
C ILE A 234 -10.02 -3.14 27.33
N ARG A 235 -11.23 -2.74 27.72
CA ARG A 235 -11.42 -1.41 28.39
C ARG A 235 -10.52 -1.20 29.63
N GLN A 236 -10.41 -2.21 30.48
CA GLN A 236 -9.47 -2.19 31.60
C GLN A 236 -8.06 -1.93 31.14
N LEU A 237 -7.62 -2.61 30.07
CA LEU A 237 -6.30 -2.33 29.51
C LEU A 237 -6.16 -0.89 29.05
N GLN A 238 -7.19 -0.38 28.38
CA GLN A 238 -7.16 0.99 27.91
C GLN A 238 -7.03 1.96 29.11
N GLU A 239 -7.84 1.73 30.15
CA GLU A 239 -7.86 2.66 31.32
C GLU A 239 -6.51 2.67 32.03
N LYS A 240 -5.83 1.52 32.04
CA LYS A 240 -4.49 1.43 32.61
C LYS A 240 -3.35 1.94 31.74
N GLY A 241 -3.65 2.54 30.59
CA GLY A 241 -2.63 3.03 29.65
C GLY A 241 -1.78 1.94 29.01
N LEU A 242 -2.37 0.77 28.82
CA LEU A 242 -1.59 -0.38 28.35
C LEU A 242 -1.71 -0.58 26.84
N ILE A 243 -2.68 0.07 26.18
CA ILE A 243 -2.91 -0.11 24.76
C ILE A 243 -2.16 0.94 23.96
N ASP A 244 -1.53 0.50 22.88
CA ASP A 244 -1.00 1.35 21.83
C ASP A 244 -1.93 2.54 21.54
N LYS A 245 -1.43 3.77 21.74
CA LYS A 245 -2.30 4.96 21.45
C LYS A 245 -2.81 5.07 20.00
N GLU A 246 -2.17 4.36 19.06
CA GLU A 246 -2.59 4.32 17.66
C GLU A 246 -3.38 3.06 17.24
N ALA A 247 -3.73 2.18 18.18
CA ALA A 247 -4.29 0.87 17.86
C ALA A 247 -5.56 0.93 16.99
N PHE A 248 -6.36 1.98 17.17
CA PHE A 248 -7.57 2.15 16.36
C PHE A 248 -7.39 3.00 15.10
N GLU A 249 -6.19 3.52 14.88
CA GLU A 249 -5.91 4.41 13.74
C GLU A 249 -4.87 3.89 12.75
N HIS A 250 -3.88 3.17 13.22
CA HIS A 250 -2.76 2.80 12.35
C HIS A 250 -3.09 1.73 11.31
N ASP A 251 -2.23 1.63 10.31
CA ASP A 251 -2.34 0.65 9.26
C ASP A 251 -1.22 -0.35 9.38
N TRP A 252 -1.25 -1.36 8.51
CA TRP A 252 -0.29 -2.48 8.53
C TRP A 252 1.14 -1.96 8.47
N ASN A 253 1.39 -1.00 7.59
CA ASN A 253 2.74 -0.42 7.45
C ASN A 253 3.26 0.17 8.74
N SER A 254 2.44 0.93 9.46
CA SER A 254 2.87 1.48 10.74
C SER A 254 3.09 0.42 11.84
N TYR A 255 2.17 -0.56 11.89
CA TYR A 255 2.20 -1.65 12.87
C TYR A 255 3.48 -2.45 12.75
N ILE A 256 3.81 -2.85 11.53
CA ILE A 256 5.06 -3.60 11.33
C ILE A 256 6.34 -2.75 11.49
N ALA A 257 6.28 -1.44 11.30
CA ALA A 257 7.44 -0.57 11.61
C ALA A 257 7.75 -0.60 13.10
N LYS A 258 6.71 -0.47 13.92
CA LYS A 258 6.86 -0.59 15.36
C LYS A 258 7.22 -2.00 15.78
N GLY A 259 6.63 -3.00 15.13
CA GLY A 259 7.01 -4.40 15.37
C GLY A 259 8.48 -4.71 15.04
N HIS A 260 8.92 -4.22 13.89
CA HIS A 260 10.32 -4.36 13.42
C HIS A 260 11.31 -3.83 14.47
N ASP A 261 10.92 -2.74 15.15
CA ASP A 261 11.71 -2.16 16.24
C ASP A 261 11.43 -2.74 17.62
N GLN A 262 10.68 -3.85 17.67
CA GLN A 262 10.38 -4.60 18.89
C GLN A 262 9.82 -3.73 20.02
N LYS A 263 8.87 -2.89 19.67
CA LYS A 263 8.24 -1.98 20.65
C LYS A 263 7.04 -2.62 21.38
N PHE A 264 6.59 -3.77 20.90
CA PHE A 264 5.36 -4.38 21.38
C PHE A 264 5.63 -5.36 22.51
N GLY A 265 4.79 -5.32 23.56
CA GLY A 265 4.81 -6.33 24.58
C GLY A 265 4.05 -7.57 24.16
N VAL A 266 2.78 -7.36 23.83
CA VAL A 266 1.86 -8.40 23.34
C VAL A 266 1.25 -7.82 22.11
N TYR A 267 1.22 -8.58 21.01
CA TYR A 267 0.55 -8.14 19.79
C TYR A 267 -0.04 -9.35 19.07
N PHE A 268 -0.84 -9.07 18.05
CA PHE A 268 -1.55 -10.11 17.28
C PHE A 268 -1.14 -10.10 15.81
N THR A 269 -0.97 -11.27 15.23
CA THR A 269 -0.74 -11.44 13.80
C THR A 269 -0.81 -12.90 13.43
N TRP A 270 -0.84 -13.17 12.14
CA TRP A 270 -0.82 -14.55 11.65
C TRP A 270 0.47 -15.28 11.99
N ASP A 271 1.57 -14.62 11.68
CA ASP A 271 2.89 -15.20 11.85
C ASP A 271 3.80 -14.09 12.26
N LYS A 272 4.45 -14.26 13.42
CA LYS A 272 5.35 -13.23 14.02
C LYS A 272 6.47 -12.79 13.04
N ASN A 273 6.85 -13.71 12.15
CA ASN A 273 7.91 -13.42 11.16
C ASN A 273 7.61 -12.19 10.29
N ASN A 274 6.33 -11.90 10.04
CA ASN A 274 5.93 -10.77 9.25
C ASN A 274 5.90 -9.44 10.03
N VAL A 275 6.08 -9.48 11.35
CA VAL A 275 5.90 -8.27 12.17
C VAL A 275 7.14 -8.06 12.99
N THR A 276 7.45 -8.96 13.93
CA THR A 276 8.62 -8.80 14.79
C THR A 276 9.87 -9.52 14.25
N GLY A 277 9.70 -10.37 13.25
CA GLY A 277 10.83 -11.01 12.56
C GLY A 277 11.10 -12.43 12.98
N SER A 278 12.14 -13.00 12.38
CA SER A 278 12.52 -14.40 12.60
C SER A 278 13.55 -14.43 13.69
N ASN A 279 13.08 -14.43 14.93
CA ASN A 279 13.92 -14.42 16.11
C ASN A 279 13.17 -15.03 17.29
N GLU A 280 13.89 -15.20 18.40
CA GLU A 280 13.35 -15.82 19.58
C GLU A 280 12.90 -14.80 20.64
N SER A 281 12.94 -13.51 20.34
CA SER A 281 12.48 -12.51 21.31
C SER A 281 10.96 -12.60 21.59
N TYR A 282 10.19 -13.08 20.59
CA TYR A 282 8.74 -13.26 20.69
C TYR A 282 8.33 -14.73 20.56
N ASP A 283 7.30 -15.11 21.33
CA ASP A 283 6.77 -16.45 21.25
C ASP A 283 5.25 -16.39 21.47
N VAL A 284 4.59 -17.54 21.33
CA VAL A 284 3.15 -17.66 21.48
C VAL A 284 2.73 -17.37 22.93
N LEU A 285 1.74 -16.50 23.08
CA LEU A 285 1.13 -16.28 24.36
C LEU A 285 0.20 -17.48 24.58
N PRO A 286 0.45 -18.30 25.59
CA PRO A 286 -0.48 -19.41 25.80
C PRO A 286 -1.91 -18.98 26.10
N VAL A 287 -2.83 -19.90 25.91
CA VAL A 287 -4.24 -19.64 26.17
C VAL A 287 -4.40 -19.28 27.66
N LEU A 288 -5.08 -18.17 27.92
CA LEU A 288 -5.26 -17.64 29.29
C LEU A 288 -6.59 -18.05 29.89
N ALA A 289 -6.59 -18.36 31.16
CA ALA A 289 -7.85 -18.60 31.85
C ALA A 289 -8.43 -17.25 32.20
N GLY A 290 -9.73 -17.11 32.01
CA GLY A 290 -10.42 -15.90 32.39
C GLY A 290 -10.77 -15.93 33.87
N PRO A 291 -11.57 -14.96 34.32
CA PRO A 291 -12.03 -14.91 35.74
C PRO A 291 -12.69 -16.19 36.25
N SER A 292 -13.32 -16.96 35.35
CA SER A 292 -13.92 -18.27 35.69
C SER A 292 -12.90 -19.34 36.08
N GLY A 293 -11.63 -19.14 35.75
CA GLY A 293 -10.64 -20.17 35.86
C GLY A 293 -10.54 -21.09 34.61
N GLN A 294 -11.39 -20.87 33.61
CA GLN A 294 -11.48 -21.81 32.48
C GLN A 294 -10.88 -21.21 31.19
N LYS A 295 -10.45 -22.11 30.29
CA LYS A 295 -9.75 -21.77 29.06
C LYS A 295 -10.56 -22.25 27.86
N HIS A 296 -10.50 -21.48 26.80
CA HIS A 296 -11.26 -21.79 25.57
C HIS A 296 -10.60 -21.09 24.40
N VAL A 297 -10.65 -21.74 23.25
CA VAL A 297 -10.34 -21.13 21.96
C VAL A 297 -11.57 -21.26 21.06
N ALA A 298 -12.02 -20.14 20.53
CA ALA A 298 -13.13 -20.11 19.57
C ALA A 298 -12.52 -20.47 18.21
N ARG A 299 -13.18 -21.37 17.50
CA ARG A 299 -12.75 -21.70 16.16
C ARG A 299 -13.23 -20.64 15.18
N THR A 300 -12.36 -20.23 14.28
CA THR A 300 -12.81 -19.43 13.13
C THR A 300 -13.63 -20.36 12.21
N ASN A 301 -14.23 -19.76 11.17
CA ASN A 301 -14.88 -20.52 10.13
C ASN A 301 -14.04 -20.60 8.84
N GLY A 302 -12.75 -20.30 8.95
CA GLY A 302 -11.85 -20.37 7.84
C GLY A 302 -11.67 -21.77 7.31
N MET A 303 -11.46 -21.88 6.01
CA MET A 303 -11.28 -23.20 5.39
C MET A 303 -10.48 -23.01 4.10
N GLY A 304 -9.55 -23.92 3.82
CA GLY A 304 -8.82 -23.91 2.55
C GLY A 304 -9.73 -24.44 1.44
N PHE A 305 -10.66 -23.59 1.04
CA PHE A 305 -11.70 -23.99 0.09
C PHE A 305 -12.17 -22.82 -0.71
N ALA A 306 -12.18 -22.96 -2.02
CA ALA A 306 -12.85 -21.99 -2.88
C ALA A 306 -13.71 -22.72 -3.82
N ARG A 307 -14.99 -22.36 -3.86
CA ARG A 307 -15.97 -23.11 -4.61
C ARG A 307 -15.69 -23.15 -6.12
N ASP A 308 -15.15 -22.05 -6.65
CA ASP A 308 -14.94 -21.91 -8.08
C ASP A 308 -13.53 -21.51 -8.46
N LYS A 309 -12.78 -22.47 -8.96
CA LYS A 309 -11.60 -22.19 -9.72
C LYS A 309 -11.68 -22.67 -11.16
N MET A 310 -12.85 -23.10 -11.60
CA MET A 310 -13.10 -23.41 -13.03
C MET A 310 -14.56 -23.58 -13.25
N VAL A 311 -15.10 -22.95 -14.30
CA VAL A 311 -16.45 -23.16 -14.79
C VAL A 311 -16.39 -23.53 -16.29
N ILE A 312 -17.41 -24.22 -16.76
CA ILE A 312 -17.48 -24.62 -18.15
C ILE A 312 -18.62 -23.81 -18.77
N THR A 313 -18.34 -23.19 -19.92
CA THR A 313 -19.35 -22.32 -20.53
C THR A 313 -20.31 -23.07 -21.42
N SER A 314 -21.42 -22.40 -21.72
CA SER A 314 -22.43 -22.95 -22.62
C SER A 314 -22.00 -23.11 -24.09
N VAL A 315 -20.84 -22.57 -24.49
CA VAL A 315 -20.33 -22.72 -25.87
C VAL A 315 -19.38 -23.87 -26.06
N ASN A 316 -19.04 -24.57 -24.97
CA ASN A 316 -18.11 -25.67 -25.03
C ASN A 316 -18.75 -26.87 -25.73
N LYS A 317 -18.14 -27.35 -26.80
CA LYS A 317 -18.67 -28.47 -27.58
C LYS A 317 -17.87 -29.76 -27.36
N ASN A 318 -17.03 -29.79 -26.32
CA ASN A 318 -16.10 -30.87 -26.07
C ASN A 318 -16.11 -31.16 -24.57
N LEU A 319 -17.29 -31.48 -24.05
CA LEU A 319 -17.47 -31.62 -22.61
C LEU A 319 -16.68 -32.75 -21.99
N GLU A 320 -16.63 -33.89 -22.69
CA GLU A 320 -15.90 -35.03 -22.18
C GLU A 320 -14.41 -34.73 -22.14
N LEU A 321 -13.88 -34.17 -23.22
CA LEU A 321 -12.46 -33.79 -23.25
C LEU A 321 -12.16 -32.79 -22.10
N THR A 322 -13.02 -31.80 -21.95
CA THR A 322 -12.81 -30.76 -20.92
C THR A 322 -12.81 -31.38 -19.52
N ALA A 323 -13.79 -32.25 -19.23
CA ALA A 323 -13.89 -32.89 -17.92
C ALA A 323 -12.67 -33.75 -17.60
N LYS A 324 -12.18 -34.48 -18.59
CA LYS A 324 -10.95 -35.25 -18.45
C LYS A 324 -9.71 -34.42 -18.25
N TRP A 325 -9.59 -33.30 -18.94
CA TRP A 325 -8.51 -32.35 -18.73
C TRP A 325 -8.58 -31.82 -17.29
N ILE A 326 -9.77 -31.44 -16.86
CA ILE A 326 -9.94 -30.92 -15.47
C ILE A 326 -9.60 -32.04 -14.47
N ASP A 327 -10.06 -33.26 -14.75
CA ASP A 327 -9.74 -34.35 -13.82
C ASP A 327 -8.23 -34.65 -13.64
N ALA A 328 -7.42 -34.41 -14.68
CA ALA A 328 -5.98 -34.60 -14.58
C ALA A 328 -5.39 -33.62 -13.54
N GLN A 329 -6.07 -32.48 -13.33
CA GLN A 329 -5.59 -31.48 -12.35
C GLN A 329 -5.79 -31.96 -10.90
N TYR A 330 -6.75 -32.87 -10.69
CA TYR A 330 -7.06 -33.47 -9.40
C TYR A 330 -6.26 -34.73 -9.06
N ALA A 331 -5.42 -35.24 -10.00
CA ALA A 331 -4.42 -36.24 -9.63
C ALA A 331 -3.52 -35.60 -8.55
N PRO A 332 -3.27 -36.30 -7.43
CA PRO A 332 -2.56 -35.71 -6.27
C PRO A 332 -1.24 -34.96 -6.61
N LEU A 333 -0.34 -35.62 -7.38
CA LEU A 333 0.94 -34.94 -7.74
C LEU A 333 0.72 -33.69 -8.61
N GLN A 334 -0.33 -33.72 -9.42
CA GLN A 334 -0.64 -32.61 -10.25
C GLN A 334 -1.22 -31.48 -9.42
N SER A 335 -2.19 -31.79 -8.53
CA SER A 335 -2.74 -30.78 -7.63
C SER A 335 -1.66 -30.05 -6.83
N VAL A 336 -0.69 -30.80 -6.30
CA VAL A 336 0.31 -30.20 -5.48
C VAL A 336 1.13 -29.20 -6.32
N GLN A 337 1.59 -29.63 -7.50
CA GLN A 337 2.40 -28.73 -8.35
C GLN A 337 1.59 -27.54 -8.84
N ASN A 338 0.35 -27.78 -9.26
CA ASN A 338 -0.48 -26.66 -9.75
C ASN A 338 -0.63 -25.56 -8.69
N ASN A 339 -0.71 -25.99 -7.44
CA ASN A 339 -0.89 -25.08 -6.31
C ASN A 339 0.42 -24.33 -5.98
N TRP A 340 1.55 -25.04 -6.01
CA TRP A 340 2.77 -24.54 -5.38
C TRP A 340 4.01 -24.35 -6.27
N GLY A 341 4.10 -25.05 -7.40
CA GLY A 341 5.26 -24.99 -8.27
C GLY A 341 5.69 -26.33 -8.78
N THR A 342 6.90 -26.42 -9.32
CA THR A 342 7.31 -27.68 -9.93
C THR A 342 8.79 -28.03 -9.67
N TYR A 343 9.26 -29.05 -10.37
CA TYR A 343 10.59 -29.63 -10.22
C TYR A 343 11.23 -29.73 -11.59
N GLY A 344 12.55 -29.92 -11.60
CA GLY A 344 13.29 -30.37 -12.79
C GLY A 344 13.61 -29.32 -13.84
N ASP A 345 13.34 -28.04 -13.59
CA ASP A 345 13.72 -27.00 -14.54
C ASP A 345 15.22 -26.69 -14.43
N ASP A 346 15.93 -26.77 -15.56
CA ASP A 346 17.33 -26.29 -15.62
C ASP A 346 17.50 -24.80 -15.97
N LYS A 347 16.42 -24.05 -16.23
CA LYS A 347 16.50 -22.63 -16.61
C LYS A 347 16.18 -21.64 -15.48
N GLN A 348 15.63 -22.13 -14.37
CA GLN A 348 15.38 -21.31 -13.19
C GLN A 348 15.26 -22.24 -11.98
N GLN A 349 15.12 -21.65 -10.79
CA GLN A 349 14.99 -22.40 -9.56
C GLN A 349 13.68 -23.23 -9.56
N ASN A 350 13.61 -24.19 -8.65
CA ASN A 350 12.45 -25.09 -8.51
C ASN A 350 11.92 -25.12 -7.09
N ILE A 351 10.61 -25.04 -6.94
CA ILE A 351 9.97 -25.20 -5.62
C ILE A 351 10.21 -26.61 -5.06
N PHE A 352 10.21 -27.60 -5.94
CA PHE A 352 10.31 -29.00 -5.55
C PHE A 352 11.45 -29.79 -6.23
N GLU A 353 11.88 -30.87 -5.60
CA GLU A 353 12.55 -31.97 -6.30
C GLU A 353 11.63 -33.17 -6.25
N LEU A 354 11.63 -33.94 -7.33
CA LEU A 354 10.85 -35.15 -7.40
C LEU A 354 11.76 -36.31 -7.06
N ASP A 355 11.35 -37.12 -6.10
CA ASP A 355 12.05 -38.35 -5.86
C ASP A 355 11.55 -39.38 -6.87
N GLN A 356 12.45 -39.82 -7.77
CA GLN A 356 12.14 -40.75 -8.86
C GLN A 356 11.46 -42.00 -8.37
N ALA A 357 12.10 -42.66 -7.41
CA ALA A 357 11.64 -43.95 -6.93
C ALA A 357 10.27 -43.92 -6.26
N SER A 358 10.07 -42.96 -5.34
CA SER A 358 8.82 -42.87 -4.58
C SER A 358 7.75 -42.04 -5.29
N ASN A 359 8.13 -41.34 -6.37
CA ASN A 359 7.24 -40.43 -7.09
C ASN A 359 6.58 -39.44 -6.11
N SER A 360 7.42 -38.78 -5.32
CA SER A 360 6.94 -37.81 -4.33
C SER A 360 7.79 -36.56 -4.37
N LEU A 361 7.17 -35.47 -3.95
CA LEU A 361 7.74 -34.15 -4.03
C LEU A 361 8.28 -33.71 -2.68
N LYS A 362 9.45 -33.05 -2.69
CA LYS A 362 10.03 -32.41 -1.51
C LYS A 362 10.33 -30.96 -1.80
N HIS A 363 9.92 -30.07 -0.89
CA HIS A 363 10.23 -28.66 -1.02
C HIS A 363 11.72 -28.42 -0.95
N LEU A 364 12.24 -27.56 -1.81
CA LEU A 364 13.65 -27.20 -1.80
C LEU A 364 13.88 -25.88 -1.08
N PRO A 365 15.08 -25.71 -0.52
CA PRO A 365 15.46 -24.38 -0.02
C PRO A 365 15.70 -23.45 -1.19
N LEU A 366 15.30 -22.19 -1.07
CA LEU A 366 15.31 -21.22 -2.17
C LEU A 366 16.21 -20.02 -1.88
N ASN A 367 16.71 -19.38 -2.94
CA ASN A 367 17.56 -18.18 -2.82
C ASN A 367 17.18 -17.08 -3.83
N GLY A 368 17.81 -15.91 -3.65
CA GLY A 368 17.66 -14.78 -4.57
C GLY A 368 16.25 -14.21 -4.53
N THR A 369 15.68 -13.95 -5.70
CA THR A 369 14.29 -13.52 -5.77
C THR A 369 13.27 -14.68 -5.59
N ALA A 370 13.71 -15.94 -5.46
CA ALA A 370 12.80 -17.10 -5.53
C ALA A 370 11.77 -17.18 -4.38
N PRO A 371 12.21 -16.94 -3.12
CA PRO A 371 11.20 -16.90 -2.04
C PRO A 371 10.05 -15.94 -2.33
N ALA A 372 10.35 -14.80 -2.94
CA ALA A 372 9.32 -13.80 -3.19
C ALA A 372 8.46 -14.08 -4.45
N GLU A 373 9.03 -14.75 -5.46
CA GLU A 373 8.46 -14.73 -6.81
C GLU A 373 8.29 -16.07 -7.51
N LEU A 374 9.01 -17.09 -7.05
CA LEU A 374 9.12 -18.31 -7.84
C LEU A 374 7.75 -19.04 -7.91
N ARG A 375 6.98 -18.98 -6.82
CA ARG A 375 5.67 -19.65 -6.83
C ARG A 375 4.76 -19.00 -7.90
N GLN A 376 4.70 -17.67 -7.88
CA GLN A 376 3.90 -16.91 -8.85
C GLN A 376 4.31 -17.15 -10.29
N LYS A 377 5.61 -17.37 -10.52
CA LYS A 377 6.13 -17.64 -11.85
C LYS A 377 5.84 -19.02 -12.38
N THR A 378 5.61 -20.00 -11.49
CA THR A 378 5.61 -21.43 -11.84
C THR A 378 4.34 -22.21 -11.51
N GLU A 379 3.55 -21.76 -10.53
CA GLU A 379 2.25 -22.34 -10.21
C GLU A 379 1.26 -22.09 -11.35
N VAL A 380 0.15 -22.82 -11.35
CA VAL A 380 -0.91 -22.53 -12.30
C VAL A 380 -2.26 -22.22 -11.70
N GLY A 381 -2.48 -22.53 -10.42
CA GLY A 381 -3.77 -22.29 -9.80
C GLY A 381 -4.79 -23.23 -10.39
N GLY A 382 -6.01 -22.73 -10.54
CA GLY A 382 -7.08 -23.52 -11.08
C GLY A 382 -7.63 -24.54 -10.10
N PRO A 383 -8.47 -25.47 -10.63
CA PRO A 383 -9.12 -26.46 -9.77
C PRO A 383 -8.13 -27.55 -9.36
N LEU A 384 -8.15 -27.91 -8.07
CA LEU A 384 -7.20 -28.85 -7.52
C LEU A 384 -7.57 -29.21 -6.10
N ALA A 385 -6.97 -30.29 -5.61
CA ALA A 385 -7.15 -30.72 -4.25
C ALA A 385 -5.90 -31.29 -3.63
N ILE A 386 -5.57 -30.75 -2.45
CA ILE A 386 -4.53 -31.28 -1.57
C ILE A 386 -5.19 -31.62 -0.24
N LEU A 387 -5.17 -32.91 0.07
CA LEU A 387 -5.78 -33.43 1.30
C LEU A 387 -4.67 -33.61 2.31
N ASP A 388 -5.05 -33.50 3.57
CA ASP A 388 -4.12 -33.65 4.66
C ASP A 388 -3.43 -35.02 4.67
N SER A 389 -4.10 -36.06 4.17
CA SER A 389 -3.45 -37.36 3.98
C SER A 389 -2.26 -37.41 2.97
N TYR A 390 -2.11 -36.40 2.13
CA TYR A 390 -1.05 -36.40 1.11
C TYR A 390 0.34 -36.11 1.72
N TYR A 391 0.37 -35.44 2.88
CA TYR A 391 1.65 -35.01 3.44
C TYR A 391 2.42 -36.22 3.92
N GLY A 392 3.69 -36.31 3.52
CA GLY A 392 4.52 -37.49 3.83
C GLY A 392 4.34 -38.66 2.88
N LYS A 393 3.47 -38.53 1.89
CA LYS A 393 3.20 -39.59 0.92
C LYS A 393 3.42 -39.05 -0.50
N VAL A 394 2.71 -37.98 -0.83
CA VAL A 394 2.80 -37.29 -2.14
C VAL A 394 3.79 -36.14 -2.11
N THR A 395 3.82 -35.41 -0.99
CA THR A 395 4.55 -34.20 -0.91
C THR A 395 4.88 -33.88 0.54
N THR A 396 5.91 -33.08 0.71
CA THR A 396 6.11 -32.37 1.95
C THR A 396 5.17 -31.19 2.09
N MET A 397 4.92 -30.79 3.33
CA MET A 397 4.29 -29.52 3.66
C MET A 397 5.29 -28.38 3.59
N PRO A 398 4.87 -27.19 3.14
CA PRO A 398 5.72 -26.02 3.28
C PRO A 398 6.17 -25.82 4.74
N ASP A 399 7.44 -25.49 4.93
CA ASP A 399 8.03 -25.38 6.27
C ASP A 399 7.28 -24.39 7.18
N ASP A 400 6.91 -23.24 6.65
CA ASP A 400 6.20 -22.24 7.42
C ASP A 400 4.82 -22.72 7.87
N ALA A 401 4.14 -23.48 7.00
CA ALA A 401 2.85 -24.06 7.36
C ALA A 401 3.01 -25.09 8.46
N LYS A 402 4.02 -25.94 8.31
CA LYS A 402 4.28 -26.98 9.30
C LYS A 402 4.55 -26.35 10.67
N TRP A 403 5.40 -25.34 10.69
CA TRP A 403 5.72 -24.60 11.93
C TRP A 403 4.44 -24.08 12.61
N ARG A 404 3.59 -23.40 11.84
CA ARG A 404 2.35 -22.81 12.37
C ARG A 404 1.40 -23.90 12.86
N LEU A 405 1.24 -24.98 12.09
CA LEU A 405 0.39 -26.11 12.49
C LEU A 405 0.79 -26.68 13.82
N ASP A 406 2.08 -26.85 14.02
CA ASP A 406 2.57 -27.42 15.26
C ASP A 406 2.28 -26.49 16.45
N LEU A 407 2.41 -25.16 16.28
CA LEU A 407 2.01 -24.21 17.33
C LEU A 407 0.52 -24.32 17.64
N ILE A 408 -0.31 -24.38 16.60
CA ILE A 408 -1.75 -24.52 16.76
C ILE A 408 -2.10 -25.75 17.60
N LYS A 409 -1.48 -26.88 17.24
CA LYS A 409 -1.69 -28.10 17.96
C LYS A 409 -1.26 -28.04 19.44
N GLU A 410 -0.07 -27.50 19.68
CA GLU A 410 0.55 -27.39 21.02
C GLU A 410 -0.25 -26.44 21.94
N TYR A 411 -0.60 -25.26 21.44
CA TYR A 411 -1.19 -24.21 22.29
C TYR A 411 -2.71 -24.15 22.30
N TYR A 412 -3.35 -24.45 21.18
CA TYR A 412 -4.78 -24.08 21.00
C TYR A 412 -5.75 -25.25 20.92
N VAL A 413 -5.39 -26.28 20.15
CA VAL A 413 -6.28 -27.40 19.96
C VAL A 413 -6.88 -28.02 21.24
N PRO A 414 -6.08 -28.18 22.32
CA PRO A 414 -6.66 -28.72 23.56
C PRO A 414 -7.84 -27.93 24.14
N TYR A 415 -7.94 -26.65 23.77
CA TYR A 415 -8.96 -25.74 24.29
C TYR A 415 -10.09 -25.43 23.30
N MET A 416 -10.07 -26.04 22.10
CA MET A 416 -11.14 -25.92 21.09
C MET A 416 -12.20 -26.97 21.34
N SER A 417 -13.16 -26.61 22.16
CA SER A 417 -14.14 -27.55 22.62
C SER A 417 -15.32 -27.73 21.68
N ASN A 418 -15.44 -26.91 20.65
CA ASN A 418 -16.57 -26.99 19.72
C ASN A 418 -16.28 -28.05 18.64
N VAL A 419 -17.18 -29.04 18.58
CA VAL A 419 -17.06 -30.15 17.60
C VAL A 419 -16.98 -29.58 16.17
N ASN A 420 -17.83 -28.58 15.91
CA ASN A 420 -17.99 -28.01 14.61
C ASN A 420 -17.70 -26.54 14.56
N ASN A 421 -17.35 -26.11 13.36
CA ASN A 421 -17.41 -24.66 12.98
C ASN A 421 -18.52 -24.50 11.93
N TYR A 422 -18.67 -23.30 11.36
CA TYR A 422 -19.78 -23.00 10.43
C TYR A 422 -19.30 -23.32 9.01
N PRO A 423 -20.04 -24.19 8.28
CA PRO A 423 -19.55 -24.65 6.98
C PRO A 423 -19.77 -23.61 5.87
N ARG A 424 -18.92 -23.67 4.86
CA ARG A 424 -18.96 -22.73 3.72
C ARG A 424 -20.09 -23.06 2.72
N VAL A 425 -21.35 -23.04 3.17
CA VAL A 425 -22.48 -23.52 2.38
C VAL A 425 -22.73 -22.60 1.20
N PHE A 426 -23.30 -23.15 0.14
CA PHE A 426 -23.76 -22.42 -1.03
C PHE A 426 -25.26 -22.06 -0.88
N MET A 427 -25.56 -20.79 -0.71
CA MET A 427 -26.92 -20.34 -0.43
C MET A 427 -27.66 -19.93 -1.73
N THR A 428 -28.97 -19.85 -1.64
CA THR A 428 -29.75 -19.31 -2.74
C THR A 428 -29.42 -17.84 -2.97
N GLN A 429 -29.78 -17.36 -4.17
CA GLN A 429 -29.55 -15.95 -4.50
C GLN A 429 -30.27 -15.03 -3.50
N GLU A 430 -31.52 -15.35 -3.18
CA GLU A 430 -32.32 -14.57 -2.25
C GLU A 430 -31.67 -14.48 -0.86
N ASP A 431 -31.22 -15.61 -0.37
CA ASP A 431 -30.53 -15.65 0.92
C ASP A 431 -29.19 -14.93 0.87
N LEU A 432 -28.45 -15.09 -0.20
CA LEU A 432 -27.18 -14.37 -0.38
C LEU A 432 -27.37 -12.88 -0.26
N ASP A 433 -28.39 -12.35 -0.95
CA ASP A 433 -28.71 -10.93 -0.90
C ASP A 433 -29.19 -10.47 0.48
N LYS A 434 -30.02 -11.26 1.14
CA LYS A 434 -30.47 -10.93 2.48
C LYS A 434 -29.32 -10.84 3.49
N ILE A 435 -28.42 -11.81 3.39
CA ILE A 435 -27.27 -11.90 4.29
C ILE A 435 -26.29 -10.74 4.02
N ALA A 436 -26.06 -10.42 2.75
CA ALA A 436 -25.20 -9.30 2.34
C ALA A 436 -25.68 -7.97 2.87
N HIS A 437 -26.98 -7.75 2.77
CA HIS A 437 -27.60 -6.56 3.27
C HIS A 437 -27.42 -6.44 4.79
N ILE A 438 -27.73 -7.50 5.53
CA ILE A 438 -27.62 -7.47 6.97
C ILE A 438 -26.17 -7.17 7.41
N GLU A 439 -25.23 -7.84 6.76
CA GLU A 439 -23.78 -7.65 7.09
C GLU A 439 -23.32 -6.24 6.73
N ALA A 440 -23.76 -5.72 5.59
CA ALA A 440 -23.43 -4.34 5.21
C ALA A 440 -23.96 -3.34 6.25
N ASP A 441 -25.12 -3.61 6.84
CA ASP A 441 -25.70 -2.73 7.83
C ASP A 441 -25.06 -2.86 9.19
N MET A 442 -24.79 -4.10 9.62
CA MET A 442 -24.41 -4.30 11.02
C MET A 442 -22.90 -4.42 11.30
N ASN A 443 -22.08 -4.82 10.32
CA ASN A 443 -20.68 -5.17 10.61
C ASN A 443 -19.88 -4.00 11.12
N ASP A 444 -19.94 -2.88 10.42
CA ASP A 444 -19.21 -1.68 10.84
C ASP A 444 -19.75 -1.16 12.16
N TYR A 445 -21.05 -1.27 12.37
CA TYR A 445 -21.69 -0.87 13.66
C TYR A 445 -21.15 -1.66 14.86
N ILE A 446 -21.05 -2.97 14.69
CA ILE A 446 -20.49 -3.83 15.72
C ILE A 446 -19.06 -3.36 16.12
N TYR A 447 -18.23 -3.10 15.14
CA TYR A 447 -16.86 -2.64 15.43
C TYR A 447 -16.84 -1.20 15.97
N ARG A 448 -17.72 -0.34 15.50
CA ARG A 448 -17.76 1.03 16.02
C ARG A 448 -18.08 1.02 17.53
N LYS A 449 -19.10 0.27 17.93
CA LYS A 449 -19.48 0.23 19.32
C LYS A 449 -18.37 -0.39 20.17
N ARG A 450 -17.76 -1.46 19.65
CA ARG A 450 -16.67 -2.12 20.34
C ARG A 450 -15.50 -1.14 20.61
N ALA A 451 -15.14 -0.35 19.60
CA ALA A 451 -14.05 0.62 19.71
C ALA A 451 -14.44 1.70 20.74
N GLU A 452 -15.70 2.18 20.67
CA GLU A 452 -16.19 3.24 21.58
C GLU A 452 -16.18 2.77 23.01
N TRP A 453 -16.60 1.53 23.22
CA TRP A 453 -16.59 0.97 24.54
C TRP A 453 -15.23 0.82 25.14
N ILE A 454 -14.22 0.67 24.30
CA ILE A 454 -12.84 0.57 24.78
C ILE A 454 -12.21 1.96 25.00
N VAL A 455 -12.38 2.85 24.04
CA VAL A 455 -11.72 4.15 24.09
C VAL A 455 -12.49 5.13 24.97
N ASN A 456 -13.82 5.07 24.95
CA ASN A 456 -14.65 5.99 25.76
C ASN A 456 -15.22 5.29 27.01
N GLY A 457 -15.67 4.05 26.87
CA GLY A 457 -16.29 3.32 27.95
C GLY A 457 -17.79 3.21 27.78
N ASN A 458 -18.49 3.02 28.90
CA ASN A 458 -19.97 3.06 29.02
C ASN A 458 -20.73 1.80 28.50
N ILE A 459 -20.05 0.68 28.31
CA ILE A 459 -20.75 -0.53 27.81
C ILE A 459 -21.93 -0.98 28.69
N ASP A 460 -21.79 -0.92 30.01
CA ASP A 460 -22.86 -1.43 30.88
C ASP A 460 -24.21 -0.78 30.57
N THR A 461 -24.21 0.54 30.36
CA THR A 461 -25.47 1.25 30.13
C THR A 461 -25.99 1.12 28.70
N GLU A 462 -25.06 0.95 27.74
CA GLU A 462 -25.40 0.96 26.34
C GLU A 462 -25.70 -0.42 25.77
N TRP A 463 -25.38 -1.47 26.54
CA TRP A 463 -25.46 -2.86 26.05
C TRP A 463 -26.84 -3.26 25.57
N ASP A 464 -27.87 -3.00 26.39
CA ASP A 464 -29.23 -3.43 26.05
C ASP A 464 -29.74 -2.74 24.77
N ASP A 465 -29.48 -1.44 24.63
CA ASP A 465 -29.92 -0.75 23.39
C ASP A 465 -29.14 -1.24 22.14
N TYR A 466 -27.88 -1.59 22.35
CA TYR A 466 -27.07 -2.13 21.26
C TYR A 466 -27.66 -3.42 20.74
N LYS A 467 -28.02 -4.33 21.62
CA LYS A 467 -28.67 -5.56 21.19
C LYS A 467 -29.99 -5.28 20.45
N LYS A 468 -30.75 -4.30 20.92
CA LYS A 468 -31.96 -3.89 20.19
C LYS A 468 -31.66 -3.37 18.77
N GLU A 469 -30.57 -2.63 18.64
CA GLU A 469 -30.15 -2.10 17.36
C GLU A 469 -29.76 -3.24 16.38
N LEU A 470 -29.09 -4.26 16.92
CA LEU A 470 -28.76 -5.44 16.13
C LEU A 470 -30.01 -6.13 15.63
N GLU A 471 -31.05 -6.20 16.45
CA GLU A 471 -32.33 -6.77 16.00
C GLU A 471 -33.00 -5.88 14.97
N LYS A 472 -32.95 -4.56 15.13
CA LYS A 472 -33.45 -3.70 14.05
C LYS A 472 -32.75 -3.94 12.71
N TYR A 473 -31.45 -4.26 12.75
CA TYR A 473 -30.72 -4.60 11.56
C TYR A 473 -30.97 -6.02 11.04
N GLY A 474 -31.69 -6.82 11.79
CA GLY A 474 -32.16 -8.12 11.30
C GLY A 474 -31.42 -9.33 11.87
N LEU A 475 -30.81 -9.18 13.04
CA LEU A 475 -30.05 -10.28 13.63
C LEU A 475 -30.84 -11.59 13.73
N SER A 476 -32.10 -11.54 14.19
CA SER A 476 -32.83 -12.80 14.31
C SER A 476 -33.03 -13.47 12.95
N ASP A 477 -33.26 -12.70 11.90
CA ASP A 477 -33.42 -13.28 10.56
C ASP A 477 -32.11 -13.87 10.05
N TYR A 478 -31.03 -13.14 10.27
CA TYR A 478 -29.66 -13.57 9.95
C TYR A 478 -29.37 -14.96 10.52
N LEU A 479 -29.64 -15.10 11.82
CA LEU A 479 -29.43 -16.37 12.52
C LEU A 479 -30.31 -17.50 12.06
N ALA A 480 -31.57 -17.19 11.74
CA ALA A 480 -32.47 -18.21 11.22
C ALA A 480 -31.97 -18.71 9.88
N ILE A 481 -31.50 -17.81 9.02
CA ILE A 481 -30.93 -18.22 7.74
C ILE A 481 -29.69 -19.12 7.93
N LYS A 482 -28.79 -18.69 8.80
CA LYS A 482 -27.57 -19.44 9.06
C LYS A 482 -27.88 -20.82 9.63
N GLN A 483 -28.86 -20.87 10.55
CA GLN A 483 -29.25 -22.14 11.14
C GLN A 483 -29.90 -23.04 10.11
N LYS A 484 -30.72 -22.48 9.20
CA LYS A 484 -31.31 -23.26 8.15
C LYS A 484 -30.27 -23.99 7.29
N TYR A 485 -29.28 -23.26 6.82
CA TYR A 485 -28.24 -23.88 6.02
C TYR A 485 -27.36 -24.86 6.82
N TYR A 486 -27.13 -24.57 8.09
CA TYR A 486 -26.38 -25.49 8.95
C TYR A 486 -27.10 -26.84 9.07
N ASP A 487 -28.40 -26.77 9.35
CA ASP A 487 -29.20 -27.98 9.46
C ASP A 487 -29.22 -28.73 8.14
N GLN A 488 -29.41 -28.05 7.01
CA GLN A 488 -29.36 -28.74 5.71
C GLN A 488 -28.01 -29.42 5.43
N TYR A 489 -26.91 -28.73 5.71
CA TYR A 489 -25.56 -29.30 5.60
C TYR A 489 -25.39 -30.60 6.40
N GLN A 490 -25.88 -30.62 7.65
CA GLN A 490 -25.85 -31.88 8.44
C GLN A 490 -26.48 -33.06 7.71
N ALA A 491 -27.60 -32.83 7.04
CA ALA A 491 -28.25 -33.85 6.19
C ALA A 491 -27.46 -34.25 4.94
N ASN A 492 -26.75 -33.31 4.34
CA ASN A 492 -26.07 -33.53 3.06
C ASN A 492 -24.59 -33.85 3.12
N LYS A 493 -23.94 -33.63 4.26
CA LYS A 493 -22.47 -33.74 4.36
C LYS A 493 -21.89 -35.14 4.29
N ASN A 494 -22.73 -36.17 4.50
CA ASN A 494 -22.27 -37.56 4.49
C ASN A 494 -22.59 -38.14 3.12
N GLY B 1 48.97 12.31 6.69
CA GLY B 1 47.67 11.75 6.22
C GLY B 1 46.49 12.66 6.55
N PRO B 2 45.25 12.17 6.35
CA PRO B 2 44.07 13.04 6.51
C PRO B 2 43.57 13.34 7.93
N LYS B 3 43.02 14.55 8.12
CA LYS B 3 42.25 14.92 9.32
C LYS B 3 40.96 14.08 9.28
N THR B 4 40.18 14.01 10.36
CA THR B 4 39.06 13.07 10.43
C THR B 4 37.79 13.69 10.98
N LEU B 5 36.65 13.31 10.41
CA LEU B 5 35.32 13.61 10.99
C LEU B 5 34.46 12.35 10.95
N LYS B 6 33.53 12.25 11.91
CA LYS B 6 32.54 11.17 11.89
C LYS B 6 31.21 11.76 11.47
N PHE B 7 30.68 11.28 10.35
CA PHE B 7 29.39 11.72 9.81
C PHE B 7 28.45 10.53 9.76
N MET B 8 27.24 10.71 10.28
CA MET B 8 26.14 9.77 10.01
C MET B 8 25.55 10.14 8.64
N THR B 9 25.15 9.15 7.86
CA THR B 9 24.54 9.41 6.54
C THR B 9 23.45 8.41 6.22
N ALA B 10 22.64 8.76 5.21
CA ALA B 10 21.67 7.89 4.59
C ALA B 10 22.10 7.66 3.19
N SER B 11 21.94 6.42 2.72
CA SER B 11 22.21 6.09 1.33
C SER B 11 21.30 4.98 0.85
N SER B 12 21.27 4.80 -0.46
CA SER B 12 20.52 3.71 -1.05
C SER B 12 21.17 2.37 -0.67
N PRO B 13 20.34 1.34 -0.40
CA PRO B 13 20.89 -0.01 -0.21
C PRO B 13 21.61 -0.57 -1.43
N LEU B 14 21.42 0.01 -2.62
CA LEU B 14 22.20 -0.36 -3.79
C LEU B 14 23.63 0.12 -3.73
N SER B 15 23.92 1.11 -2.90
CA SER B 15 25.23 1.71 -2.84
C SER B 15 26.05 0.96 -1.78
N PRO B 16 27.38 1.11 -1.78
CA PRO B 16 28.25 0.35 -0.86
C PRO B 16 27.98 0.62 0.60
N LYS B 17 28.20 -0.37 1.46
CA LYS B 17 28.01 -0.16 2.91
C LYS B 17 28.90 0.96 3.45
N ASP B 18 30.14 1.00 2.96
CA ASP B 18 31.08 2.06 3.25
C ASP B 18 31.02 3.11 2.12
N PRO B 19 30.50 4.32 2.41
CA PRO B 19 30.45 5.37 1.38
C PRO B 19 31.80 5.76 0.74
N ASN B 20 32.91 5.57 1.46
CA ASN B 20 34.27 5.81 0.90
C ASN B 20 34.65 4.92 -0.27
N GLU B 21 33.84 3.91 -0.56
CA GLU B 21 33.98 3.14 -1.79
C GLU B 21 33.34 3.86 -2.98
N LYS B 22 32.68 5.00 -2.77
CA LYS B 22 32.19 5.78 -3.91
C LYS B 22 33.29 6.64 -4.43
N LEU B 23 33.43 6.65 -5.76
CA LEU B 23 34.43 7.50 -6.44
C LEU B 23 34.35 8.99 -6.10
N ILE B 24 33.13 9.52 -5.96
CA ILE B 24 33.03 10.94 -5.59
C ILE B 24 33.77 11.20 -4.29
N LEU B 25 33.54 10.31 -3.34
CA LEU B 25 34.11 10.47 -2.00
C LEU B 25 35.61 10.15 -1.93
N GLN B 26 36.10 9.26 -2.77
CA GLN B 26 37.57 9.06 -2.95
C GLN B 26 38.28 10.30 -3.50
N ARG B 27 37.71 10.93 -4.53
CA ARG B 27 38.29 12.17 -5.06
C ARG B 27 38.21 13.28 -4.07
N LEU B 28 37.10 13.37 -3.36
CA LEU B 28 36.91 14.43 -2.39
C LEU B 28 37.90 14.38 -1.25
N GLU B 29 38.18 13.18 -0.77
CA GLU B 29 39.16 13.01 0.32
C GLU B 29 40.55 13.49 -0.10
N LYS B 30 40.93 13.20 -1.33
CA LYS B 30 42.18 13.71 -1.90
C LYS B 30 42.21 15.25 -1.96
N GLU B 31 41.09 15.87 -2.31
CA GLU B 31 41.03 17.34 -2.39
C GLU B 31 40.94 18.05 -1.03
N THR B 32 40.14 17.51 -0.11
CA THR B 32 39.94 18.18 1.19
C THR B 32 41.01 17.83 2.22
N GLY B 33 41.69 16.72 2.01
CA GLY B 33 42.55 16.15 3.05
C GLY B 33 41.82 15.63 4.28
N VAL B 34 40.51 15.36 4.17
CA VAL B 34 39.71 14.92 5.31
C VAL B 34 39.16 13.51 5.07
N HIS B 35 39.42 12.61 6.01
CA HIS B 35 38.87 11.28 5.95
C HIS B 35 37.56 11.33 6.70
N ILE B 36 36.47 10.93 6.05
CA ILE B 36 35.21 10.78 6.74
C ILE B 36 35.01 9.35 7.17
N ASP B 37 34.79 9.19 8.48
CA ASP B 37 34.35 7.89 9.00
C ASP B 37 32.84 7.89 9.06
N TRP B 38 32.20 7.10 8.20
CA TRP B 38 30.74 7.14 8.04
C TRP B 38 30.01 6.11 8.91
N THR B 39 28.89 6.54 9.49
CA THR B 39 27.88 5.65 10.02
C THR B 39 26.77 5.72 8.99
N ASN B 40 26.69 4.68 8.15
CA ASN B 40 25.86 4.69 6.97
C ASN B 40 24.64 3.79 7.17
N TYR B 41 23.48 4.40 7.40
CA TYR B 41 22.25 3.65 7.60
C TYR B 41 21.47 3.59 6.30
N GLN B 42 21.37 2.41 5.74
CA GLN B 42 20.77 2.23 4.43
C GLN B 42 19.31 1.78 4.50
N SER B 43 18.82 1.55 5.71
CA SER B 43 17.40 1.35 5.96
C SER B 43 17.14 1.80 7.38
N ASP B 44 15.88 2.11 7.70
CA ASP B 44 15.49 2.51 9.05
C ASP B 44 16.31 3.70 9.54
N PHE B 45 16.61 4.65 8.64
CA PHE B 45 17.54 5.71 8.99
C PHE B 45 17.01 6.52 10.15
N ALA B 46 15.74 6.94 10.09
CA ALA B 46 15.18 7.83 11.11
C ALA B 46 15.25 7.18 12.49
N GLU B 47 14.98 5.88 12.55
CA GLU B 47 14.98 5.15 13.81
C GLU B 47 16.41 5.02 14.33
N LYS B 48 17.33 4.60 13.47
CA LYS B 48 18.73 4.42 13.88
C LYS B 48 19.36 5.74 14.32
N ARG B 49 19.08 6.81 13.57
CA ARG B 49 19.51 8.17 13.93
C ARG B 49 18.99 8.60 15.30
N ASN B 50 17.71 8.36 15.55
CA ASN B 50 17.05 8.77 16.81
C ASN B 50 17.61 8.03 18.01
N LEU B 51 17.89 6.74 17.81
CA LEU B 51 18.58 5.89 18.78
C LEU B 51 19.98 6.42 19.13
N ASP B 52 20.75 6.83 18.12
CA ASP B 52 22.07 7.43 18.36
C ASP B 52 21.94 8.75 19.13
N ILE B 53 20.91 9.52 18.84
CA ILE B 53 20.66 10.79 19.51
C ILE B 53 20.24 10.56 20.96
N SER B 54 19.27 9.68 21.17
CA SER B 54 18.79 9.35 22.54
C SER B 54 19.91 8.74 23.41
N SER B 55 20.73 7.87 22.81
CA SER B 55 21.82 7.22 23.51
C SER B 55 23.08 8.08 23.70
N GLY B 56 23.05 9.35 23.28
CA GLY B 56 24.23 10.24 23.33
C GLY B 56 25.40 9.88 22.41
N ASP B 57 25.24 8.87 21.53
CA ASP B 57 26.32 8.47 20.63
C ASP B 57 26.29 9.31 19.33
N LEU B 58 26.56 10.61 19.47
CA LEU B 58 26.43 11.55 18.35
C LEU B 58 27.67 11.52 17.46
N PRO B 59 27.48 11.63 16.12
CA PRO B 59 28.61 11.91 15.22
C PRO B 59 28.93 13.41 15.26
N ASP B 60 29.93 13.83 14.47
CA ASP B 60 30.27 15.26 14.32
C ASP B 60 29.19 16.00 13.51
N ALA B 61 28.54 15.29 12.59
CA ALA B 61 27.43 15.85 11.80
C ALA B 61 26.54 14.73 11.25
N ILE B 62 25.30 15.08 10.90
CA ILE B 62 24.40 14.14 10.25
C ILE B 62 24.22 14.67 8.81
N HIS B 63 24.58 13.82 7.85
CA HIS B 63 24.67 14.14 6.44
C HIS B 63 23.51 13.48 5.71
N ASN B 64 22.92 14.17 4.74
CA ASN B 64 21.84 13.61 3.93
C ASN B 64 20.60 13.18 4.71
N ASP B 65 20.29 13.99 5.70
CA ASP B 65 19.41 13.71 6.83
C ASP B 65 17.89 13.88 6.55
N GLY B 66 17.56 14.89 5.75
CA GLY B 66 16.18 15.21 5.34
C GLY B 66 15.12 15.52 6.40
N ALA B 67 15.52 16.05 7.57
CA ALA B 67 14.59 16.14 8.70
C ALA B 67 13.53 17.23 8.53
N SER B 68 12.42 17.05 9.23
CA SER B 68 11.34 18.04 9.25
C SER B 68 11.72 19.28 10.08
N ASP B 69 11.02 20.37 9.83
CA ASP B 69 11.20 21.59 10.59
C ASP B 69 10.95 21.35 12.08
N VAL B 70 9.91 20.59 12.42
CA VAL B 70 9.61 20.25 13.82
C VAL B 70 10.81 19.52 14.46
N ASP B 71 11.40 18.55 13.76
CA ASP B 71 12.60 17.84 14.26
C ASP B 71 13.78 18.78 14.49
N LEU B 72 14.01 19.68 13.53
CA LEU B 72 15.13 20.63 13.62
C LEU B 72 15.03 21.51 14.84
N MET B 73 13.83 22.02 15.10
CA MET B 73 13.62 22.84 16.28
C MET B 73 13.73 22.06 17.61
N ASN B 74 13.22 20.85 17.66
CA ASN B 74 13.44 19.97 18.83
C ASN B 74 14.93 19.77 19.12
N TRP B 75 15.69 19.38 18.09
CA TRP B 75 17.14 19.21 18.23
C TRP B 75 17.86 20.50 18.62
N ALA B 76 17.44 21.62 18.05
CA ALA B 76 18.03 22.89 18.39
C ALA B 76 17.74 23.25 19.86
N LYS B 77 16.49 23.09 20.30
CA LYS B 77 16.09 23.38 21.70
C LYS B 77 16.85 22.54 22.72
N LYS B 78 16.94 21.25 22.42
CA LYS B 78 17.68 20.33 23.27
C LYS B 78 19.21 20.50 23.17
N GLY B 79 19.68 21.28 22.22
CA GLY B 79 21.11 21.45 22.01
C GLY B 79 21.79 20.25 21.35
N VAL B 80 21.03 19.42 20.65
CA VAL B 80 21.63 18.32 19.87
C VAL B 80 22.45 18.88 18.67
N ILE B 81 21.92 19.92 18.02
CA ILE B 81 22.55 20.57 16.85
C ILE B 81 22.81 22.00 17.20
N ILE B 82 23.68 22.65 16.44
CA ILE B 82 24.07 24.02 16.73
C ILE B 82 23.65 25.00 15.61
N PRO B 83 23.55 26.29 15.95
CA PRO B 83 23.43 27.30 14.90
C PRO B 83 24.69 27.36 14.07
N VAL B 84 24.53 27.55 12.77
CA VAL B 84 25.67 27.56 11.83
C VAL B 84 25.89 28.86 11.05
N GLU B 85 25.00 29.86 11.21
CA GLU B 85 25.11 31.09 10.41
C GLU B 85 26.47 31.79 10.48
N ASP B 86 27.10 31.80 11.64
CA ASP B 86 28.44 32.41 11.77
C ASP B 86 29.54 31.62 11.06
N LEU B 87 29.38 30.30 10.99
CA LEU B 87 30.32 29.45 10.23
C LEU B 87 30.25 29.77 8.74
N ILE B 88 29.03 30.05 8.25
CA ILE B 88 28.84 30.38 6.84
C ILE B 88 29.60 31.65 6.54
N ASP B 89 29.34 32.66 7.37
CA ASP B 89 29.94 33.97 7.21
C ASP B 89 31.47 33.93 7.19
N LYS B 90 32.07 33.17 8.12
CA LYS B 90 33.53 33.11 8.25
C LYS B 90 34.23 32.16 7.29
N TYR B 91 33.62 31.03 6.97
CA TYR B 91 34.37 29.91 6.35
C TYR B 91 33.85 29.35 5.03
N MET B 92 32.71 29.84 4.53
CA MET B 92 32.05 29.17 3.41
C MET B 92 31.81 30.06 2.20
N PRO B 93 32.89 30.38 1.43
CA PRO B 93 32.73 31.27 0.29
C PRO B 93 31.87 30.71 -0.83
N ASN B 94 31.92 29.40 -1.10
CA ASN B 94 31.03 28.85 -2.12
C ASN B 94 29.54 29.06 -1.78
N LEU B 95 29.17 28.78 -0.53
CA LEU B 95 27.80 28.95 -0.10
C LEU B 95 27.39 30.43 -0.05
N LYS B 96 28.29 31.29 0.42
CA LYS B 96 28.02 32.74 0.37
C LYS B 96 27.78 33.28 -1.02
N LYS B 97 28.49 32.75 -2.00
CA LYS B 97 28.30 33.15 -3.41
C LYS B 97 26.89 32.80 -3.90
N ILE B 98 26.46 31.57 -3.61
CA ILE B 98 25.09 31.16 -3.86
C ILE B 98 24.07 32.07 -3.20
N LEU B 99 24.29 32.40 -1.93
CA LEU B 99 23.35 33.25 -1.19
C LEU B 99 23.31 34.70 -1.67
N ASP B 100 24.43 35.17 -2.19
CA ASP B 100 24.46 36.50 -2.85
C ASP B 100 23.70 36.53 -4.18
N GLU B 101 23.83 35.50 -5.00
CA GLU B 101 23.11 35.41 -6.27
C GLU B 101 21.60 35.21 -6.04
N LYS B 102 21.25 34.43 -5.02
CA LYS B 102 19.90 34.05 -4.71
C LYS B 102 19.61 34.29 -3.22
N PRO B 103 19.50 35.56 -2.79
CA PRO B 103 19.20 35.83 -1.38
C PRO B 103 17.88 35.30 -0.85
N GLU B 104 16.96 34.88 -1.71
CA GLU B 104 15.72 34.22 -1.20
C GLU B 104 16.04 32.99 -0.36
N TYR B 105 17.09 32.25 -0.70
CA TYR B 105 17.42 31.06 0.03
C TYR B 105 17.90 31.38 1.45
N LYS B 106 18.57 32.51 1.62
CA LYS B 106 19.00 32.99 2.93
C LYS B 106 17.79 33.15 3.86
N ALA B 107 16.70 33.75 3.36
CA ALA B 107 15.46 33.91 4.14
C ALA B 107 14.86 32.55 4.48
N LEU B 108 14.86 31.62 3.52
CA LEU B 108 14.32 30.27 3.79
C LEU B 108 15.15 29.46 4.78
N MET B 109 16.45 29.71 4.81
CA MET B 109 17.33 29.02 5.75
C MET B 109 17.27 29.54 7.19
N THR B 110 16.78 30.75 7.38
CA THR B 110 16.92 31.47 8.65
C THR B 110 15.63 31.35 9.41
N ALA B 111 15.72 30.85 10.63
CA ALA B 111 14.57 30.76 11.51
C ALA B 111 14.21 32.13 12.04
N PRO B 112 12.99 32.27 12.60
CA PRO B 112 12.62 33.59 13.10
C PRO B 112 13.48 34.08 14.28
N ASP B 113 14.11 33.20 15.03
CA ASP B 113 15.14 33.61 16.04
C ASP B 113 16.46 34.15 15.43
N GLY B 114 16.58 34.19 14.10
CA GLY B 114 17.81 34.67 13.44
C GLY B 114 18.87 33.60 13.22
N HIS B 115 18.61 32.37 13.63
CA HIS B 115 19.57 31.31 13.48
C HIS B 115 19.34 30.49 12.23
N ILE B 116 20.44 30.00 11.67
CA ILE B 116 20.40 28.92 10.67
C ILE B 116 20.84 27.62 11.38
N TYR B 117 20.09 26.54 11.22
CA TYR B 117 20.35 25.25 11.90
C TYR B 117 20.80 24.10 10.97
N SER B 118 20.79 24.33 9.66
CA SER B 118 21.07 23.24 8.73
C SER B 118 21.50 23.81 7.39
N PHE B 119 22.07 22.93 6.56
CA PHE B 119 22.55 23.29 5.23
C PHE B 119 21.66 22.62 4.21
N PRO B 120 21.15 23.41 3.24
CA PRO B 120 20.09 22.89 2.38
C PRO B 120 20.56 22.15 1.13
N TRP B 121 19.63 21.41 0.56
CA TRP B 121 19.69 20.92 -0.82
C TRP B 121 18.85 21.89 -1.66
N ILE B 122 19.48 22.43 -2.70
CA ILE B 122 18.83 23.31 -3.68
C ILE B 122 19.01 22.70 -5.06
N GLU B 123 17.90 22.48 -5.79
CA GLU B 123 17.95 21.98 -7.16
C GLU B 123 16.93 22.78 -7.95
N GLU B 124 17.43 23.73 -8.72
CA GLU B 124 16.60 24.53 -9.62
C GLU B 124 16.56 23.82 -10.95
N LEU B 125 15.34 23.48 -11.38
CA LEU B 125 15.05 23.06 -12.74
C LEU B 125 13.98 24.00 -13.25
N GLY B 126 14.43 25.10 -13.82
CA GLY B 126 13.60 26.25 -14.20
C GLY B 126 13.40 27.19 -13.02
N ASP B 127 13.17 28.45 -13.31
CA ASP B 127 12.98 29.51 -12.30
C ASP B 127 11.56 30.00 -12.33
N GLY B 128 11.06 30.38 -11.15
CA GLY B 128 9.72 30.96 -10.99
C GLY B 128 8.63 30.12 -11.59
N LYS B 129 7.83 30.72 -12.45
CA LYS B 129 6.71 29.99 -13.06
C LYS B 129 7.19 28.84 -13.91
N GLU B 130 8.38 28.96 -14.50
CA GLU B 130 8.96 27.90 -15.35
C GLU B 130 9.54 26.69 -14.57
N SER B 131 9.55 26.74 -13.24
CA SER B 131 10.02 25.60 -12.45
C SER B 131 9.28 24.32 -12.83
N ILE B 132 10.04 23.22 -12.89
CA ILE B 132 9.47 21.90 -13.11
C ILE B 132 8.41 21.53 -12.05
N HIS B 133 8.48 22.16 -10.89
CA HIS B 133 7.53 21.93 -9.79
C HIS B 133 6.20 22.66 -9.92
N SER B 134 6.13 23.62 -10.85
CA SER B 134 4.93 24.48 -10.94
C SER B 134 3.60 23.75 -11.14
N VAL B 135 3.65 22.64 -11.90
CA VAL B 135 2.49 21.75 -12.07
C VAL B 135 2.96 20.34 -11.78
N ASN B 136 2.31 19.65 -10.85
CA ASN B 136 2.67 18.27 -10.55
C ASN B 136 1.78 17.25 -11.21
N ASP B 137 0.47 17.47 -11.18
CA ASP B 137 -0.51 16.55 -11.73
C ASP B 137 -0.97 16.94 -13.16
N MET B 138 -0.07 16.77 -14.10
CA MET B 138 -0.38 17.04 -15.51
C MET B 138 -1.48 16.11 -16.01
N ALA B 139 -2.39 16.66 -16.83
CA ALA B 139 -3.41 15.87 -17.49
C ALA B 139 -2.92 15.44 -18.87
N TRP B 140 -3.19 14.18 -19.21
CA TRP B 140 -2.74 13.56 -20.44
C TRP B 140 -3.97 12.95 -21.14
N ILE B 141 -3.98 12.95 -22.48
CA ILE B 141 -5.11 12.45 -23.25
C ILE B 141 -4.67 11.50 -24.36
N ASN B 142 -5.53 10.54 -24.70
CA ASN B 142 -5.25 9.56 -25.72
C ASN B 142 -5.51 10.17 -27.11
N LYS B 143 -4.41 10.56 -27.74
CA LYS B 143 -4.40 11.12 -29.10
C LYS B 143 -4.78 10.07 -30.16
N ASP B 144 -4.40 8.80 -29.96
CA ASP B 144 -4.84 7.71 -30.87
C ASP B 144 -6.37 7.67 -30.95
N TRP B 145 -7.05 7.78 -29.81
CA TRP B 145 -8.49 7.77 -29.75
C TRP B 145 -9.15 8.99 -30.38
N LEU B 146 -8.61 10.18 -30.11
CA LEU B 146 -9.14 11.37 -30.77
C LEU B 146 -9.16 11.19 -32.30
N LYS B 147 -8.03 10.76 -32.83
CA LYS B 147 -7.86 10.55 -34.26
C LYS B 147 -8.80 9.48 -34.82
N LYS B 148 -8.90 8.34 -34.15
CA LYS B 148 -9.84 7.29 -34.52
C LYS B 148 -11.28 7.75 -34.61
N LEU B 149 -11.72 8.54 -33.63
CA LEU B 149 -13.10 9.00 -33.59
C LEU B 149 -13.34 10.28 -34.40
N GLY B 150 -12.30 10.81 -35.04
CA GLY B 150 -12.41 12.03 -35.83
C GLY B 150 -12.69 13.24 -34.96
N LEU B 151 -12.12 13.29 -33.75
CA LEU B 151 -12.36 14.38 -32.79
C LEU B 151 -11.19 15.36 -32.69
N GLU B 152 -11.52 16.65 -32.54
CA GLU B 152 -10.51 17.69 -32.26
C GLU B 152 -10.16 17.68 -30.76
N MET B 153 -8.92 18.02 -30.44
CA MET B 153 -8.51 18.25 -29.05
C MET B 153 -9.48 19.23 -28.35
N PRO B 154 -10.00 18.87 -27.17
CA PRO B 154 -10.97 19.77 -26.56
C PRO B 154 -10.37 21.09 -26.09
N LYS B 155 -11.13 22.16 -26.23
CA LYS B 155 -10.70 23.50 -25.86
C LYS B 155 -11.32 24.03 -24.59
N THR B 156 -12.50 23.53 -24.26
CA THR B 156 -13.27 23.93 -23.13
C THR B 156 -13.65 22.70 -22.26
N THR B 157 -14.08 22.99 -21.04
CA THR B 157 -14.62 21.93 -20.16
C THR B 157 -15.83 21.21 -20.76
N ASP B 158 -16.74 21.94 -21.41
CA ASP B 158 -17.83 21.29 -22.10
C ASP B 158 -17.36 20.41 -23.27
N ASP B 159 -16.32 20.82 -24.02
CA ASP B 159 -15.75 20.00 -25.08
C ASP B 159 -15.20 18.73 -24.49
N LEU B 160 -14.56 18.85 -23.33
CA LEU B 160 -14.00 17.66 -22.68
C LEU B 160 -15.09 16.62 -22.38
N ILE B 161 -16.22 17.05 -21.81
CA ILE B 161 -17.33 16.14 -21.54
C ILE B 161 -17.73 15.36 -22.81
N LYS B 162 -17.85 16.06 -23.93
CA LYS B 162 -18.23 15.44 -25.21
C LYS B 162 -17.22 14.43 -25.70
N VAL B 163 -15.95 14.77 -25.58
CA VAL B 163 -14.90 13.86 -25.98
C VAL B 163 -14.93 12.59 -25.08
N LEU B 164 -15.12 12.78 -23.79
CA LEU B 164 -15.11 11.69 -22.84
C LEU B 164 -16.31 10.77 -23.10
N GLU B 165 -17.47 11.35 -23.45
CA GLU B 165 -18.64 10.54 -23.84
C GLU B 165 -18.38 9.72 -25.12
N ALA B 166 -17.65 10.31 -26.07
CA ALA B 166 -17.28 9.58 -27.29
C ALA B 166 -16.31 8.45 -26.97
N PHE B 167 -15.39 8.69 -26.04
CA PHE B 167 -14.45 7.66 -25.60
C PHE B 167 -15.17 6.49 -24.93
N LYS B 168 -16.20 6.81 -24.14
CA LYS B 168 -16.96 5.82 -23.39
C LYS B 168 -17.72 4.91 -24.35
N ASN B 169 -18.40 5.53 -25.34
CA ASN B 169 -19.40 4.83 -26.17
C ASN B 169 -18.94 4.51 -27.59
N GLY B 170 -17.82 5.07 -28.04
CA GLY B 170 -17.39 4.96 -29.43
C GLY B 170 -16.41 3.86 -29.73
N ASP B 171 -16.05 3.03 -28.75
CA ASP B 171 -15.06 1.98 -28.96
C ASP B 171 -13.81 2.41 -29.74
N PRO B 172 -13.13 3.48 -29.28
CA PRO B 172 -11.94 3.94 -29.99
C PRO B 172 -10.83 2.94 -30.19
N ASN B 173 -10.66 1.98 -29.26
CA ASN B 173 -9.64 0.92 -29.47
C ASN B 173 -10.09 -0.22 -30.36
N GLY B 174 -11.38 -0.24 -30.73
CA GLY B 174 -11.87 -1.03 -31.87
C GLY B 174 -11.94 -2.51 -31.59
N ASN B 175 -12.17 -2.88 -30.33
CA ASN B 175 -12.18 -4.28 -29.91
C ASN B 175 -13.56 -4.79 -29.60
N GLY B 176 -14.59 -4.00 -29.91
CA GLY B 176 -15.96 -4.39 -29.62
C GLY B 176 -16.45 -4.38 -28.18
N GLU B 177 -15.60 -3.97 -27.21
CA GLU B 177 -15.99 -3.87 -25.79
C GLU B 177 -15.95 -2.45 -25.28
N ALA B 178 -16.77 -2.17 -24.28
CA ALA B 178 -16.75 -0.90 -23.56
C ALA B 178 -15.70 -1.00 -22.45
N ASP B 179 -14.45 -1.19 -22.83
CA ASP B 179 -13.34 -1.33 -21.88
C ASP B 179 -12.62 0.02 -21.67
N GLU B 180 -12.94 1.00 -22.51
CA GLU B 180 -12.36 2.36 -22.41
C GLU B 180 -12.77 2.99 -21.08
N ILE B 181 -11.80 3.48 -20.32
CA ILE B 181 -12.09 4.20 -19.07
C ILE B 181 -11.86 5.68 -19.43
N PRO B 182 -12.92 6.47 -19.56
CA PRO B 182 -12.67 7.82 -20.16
C PRO B 182 -11.75 8.73 -19.34
N PHE B 183 -11.95 8.73 -18.03
CA PHE B 183 -11.27 9.71 -17.12
C PHE B 183 -10.84 8.96 -15.85
N SER B 184 -9.55 9.01 -15.51
CA SER B 184 -9.08 8.39 -14.29
C SER B 184 -8.08 9.28 -13.54
N PHE B 185 -7.87 8.89 -12.28
CA PHE B 185 -7.03 9.60 -11.35
C PHE B 185 -6.83 8.73 -10.10
N ILE B 186 -5.86 9.10 -9.27
CA ILE B 186 -5.74 8.59 -7.89
C ILE B 186 -6.05 9.78 -6.97
N SER B 187 -7.19 9.69 -6.29
CA SER B 187 -7.71 10.83 -5.56
C SER B 187 -6.86 11.20 -4.36
N GLY B 188 -6.67 12.50 -4.18
CA GLY B 188 -6.16 13.10 -2.97
C GLY B 188 -4.95 13.96 -3.26
N ASN B 189 -3.93 13.89 -2.41
CA ASN B 189 -2.70 14.61 -2.70
C ASN B 189 -1.93 13.90 -3.83
N GLY B 190 -1.04 14.66 -4.45
CA GLY B 190 0.00 14.11 -5.32
C GLY B 190 -0.27 14.20 -6.80
N ASN B 191 0.61 13.53 -7.51
CA ASN B 191 0.77 13.73 -8.95
C ASN B 191 -0.34 13.12 -9.81
N GLU B 192 -1.16 12.24 -9.23
CA GLU B 192 -2.21 11.55 -9.98
C GLU B 192 -3.60 12.07 -9.72
N ASP B 193 -3.74 13.15 -8.95
CA ASP B 193 -5.03 13.74 -8.69
C ASP B 193 -5.55 14.62 -9.84
N PHE B 194 -6.85 14.86 -9.82
CA PHE B 194 -7.52 15.66 -10.83
C PHE B 194 -7.53 17.18 -10.58
N LYS B 195 -6.99 17.67 -9.47
CA LYS B 195 -7.24 19.06 -9.06
C LYS B 195 -6.66 20.13 -10.02
N PHE B 196 -5.70 19.75 -10.87
CA PHE B 196 -5.24 20.57 -11.98
C PHE B 196 -6.37 21.21 -12.82
N LEU B 197 -7.47 20.48 -13.02
CA LEU B 197 -8.64 21.03 -13.75
C LEU B 197 -9.44 22.13 -13.06
N PHE B 198 -9.28 22.31 -11.75
CA PHE B 198 -10.11 23.25 -11.02
C PHE B 198 -9.86 24.67 -11.48
N ALA B 199 -8.65 24.96 -11.96
CA ALA B 199 -8.29 26.32 -12.41
C ALA B 199 -9.11 26.79 -13.63
N ALA B 200 -9.76 25.86 -14.34
CA ALA B 200 -10.66 26.23 -15.43
C ALA B 200 -11.85 27.02 -14.93
N PHE B 201 -12.15 26.88 -13.64
CA PHE B 201 -13.26 27.59 -13.02
C PHE B 201 -12.80 28.83 -12.30
N GLY B 202 -11.52 29.19 -12.46
CA GLY B 202 -10.95 30.32 -11.73
C GLY B 202 -10.24 29.83 -10.48
N ILE B 203 -9.05 30.37 -10.26
CA ILE B 203 -8.25 30.18 -9.04
C ILE B 203 -7.63 28.82 -8.95
N GLY B 204 -8.45 27.78 -8.95
CA GLY B 204 -7.96 26.42 -8.98
C GLY B 204 -7.55 25.95 -7.60
N ASP B 205 -6.67 24.96 -7.56
CA ASP B 205 -6.33 24.25 -6.30
C ASP B 205 -4.94 23.65 -6.40
N ASN B 206 -4.36 23.33 -5.25
CA ASN B 206 -3.10 22.59 -5.20
C ASN B 206 -3.10 21.74 -3.93
N ASP B 207 -2.02 21.00 -3.69
CA ASP B 207 -1.99 20.07 -2.56
C ASP B 207 -2.02 20.77 -1.22
N ASP B 208 -1.58 22.02 -1.15
CA ASP B 208 -1.68 22.81 0.08
C ASP B 208 -3.01 23.52 0.25
N HIS B 209 -3.87 23.43 -0.77
CA HIS B 209 -5.09 24.25 -0.90
C HIS B 209 -4.82 25.75 -0.63
N LEU B 210 -3.67 26.25 -1.09
CA LEU B 210 -3.23 27.59 -0.78
C LEU B 210 -2.47 28.22 -1.97
N VAL B 211 -2.99 29.35 -2.46
CA VAL B 211 -2.33 30.16 -3.48
C VAL B 211 -2.11 31.55 -2.90
N VAL B 212 -1.35 32.37 -3.63
CA VAL B 212 -1.11 33.74 -3.26
C VAL B 212 -1.64 34.61 -4.39
N GLY B 213 -2.67 35.38 -4.10
CA GLY B 213 -3.20 36.33 -5.06
C GLY B 213 -2.27 37.49 -5.38
N ASN B 214 -2.55 38.14 -6.51
CA ASN B 214 -1.74 39.30 -6.93
C ASN B 214 -1.94 40.57 -6.07
N ASP B 215 -2.89 40.51 -5.13
CA ASP B 215 -3.00 41.52 -4.06
C ASP B 215 -2.06 41.24 -2.87
N GLY B 216 -1.31 40.15 -2.93
CA GLY B 216 -0.40 39.77 -1.85
C GLY B 216 -1.05 39.02 -0.70
N LYS B 217 -2.29 38.58 -0.90
CA LYS B 217 -3.05 37.89 0.15
C LYS B 217 -3.11 36.39 -0.15
N VAL B 218 -2.79 35.58 0.85
CA VAL B 218 -2.91 34.13 0.74
C VAL B 218 -4.39 33.79 0.64
N ASP B 219 -4.69 32.80 -0.17
CA ASP B 219 -6.08 32.40 -0.43
C ASP B 219 -6.20 30.92 -0.24
N PHE B 220 -7.12 30.50 0.63
CA PHE B 220 -7.39 29.07 0.81
C PHE B 220 -8.29 28.64 -0.34
N THR B 221 -7.89 27.64 -1.09
CA THR B 221 -8.59 27.39 -2.34
C THR B 221 -9.88 26.58 -2.14
N ALA B 222 -9.92 25.75 -1.08
CA ALA B 222 -10.97 24.78 -0.96
C ALA B 222 -12.26 25.30 -0.27
N ASP B 223 -12.36 26.61 -0.03
CA ASP B 223 -13.65 27.23 0.38
C ASP B 223 -14.18 28.23 -0.67
N ASN B 224 -13.56 28.25 -1.85
CA ASN B 224 -13.97 29.22 -2.87
C ASN B 224 -15.22 28.75 -3.63
N ASP B 225 -16.05 29.67 -4.08
CA ASP B 225 -17.11 29.29 -5.05
C ASP B 225 -16.57 28.54 -6.28
N ASN B 226 -15.36 28.94 -6.71
CA ASN B 226 -14.68 28.34 -7.86
C ASN B 226 -14.40 26.87 -7.68
N TYR B 227 -14.00 26.52 -6.44
CA TYR B 227 -13.74 25.13 -6.07
C TYR B 227 -15.05 24.31 -6.05
N LYS B 228 -16.11 24.90 -5.51
CA LYS B 228 -17.44 24.30 -5.59
C LYS B 228 -17.81 24.01 -7.04
N GLU B 229 -17.53 24.93 -7.95
CA GLU B 229 -17.80 24.68 -9.38
C GLU B 229 -16.96 23.57 -9.98
N GLY B 230 -15.69 23.46 -9.57
CA GLY B 230 -14.84 22.35 -9.98
C GLY B 230 -15.37 21.01 -9.49
N VAL B 231 -15.83 20.97 -8.25
CA VAL B 231 -16.38 19.70 -7.73
C VAL B 231 -17.66 19.34 -8.51
N LYS B 232 -18.50 20.35 -8.78
CA LYS B 232 -19.72 20.10 -9.54
C LYS B 232 -19.41 19.59 -10.97
N PHE B 233 -18.30 20.04 -11.57
CA PHE B 233 -17.86 19.51 -12.85
C PHE B 233 -17.45 18.04 -12.76
N ILE B 234 -16.65 17.68 -11.78
CA ILE B 234 -16.22 16.28 -11.64
C ILE B 234 -17.47 15.41 -11.34
N ARG B 235 -18.40 15.96 -10.55
CA ARG B 235 -19.69 15.28 -10.33
C ARG B 235 -20.44 14.98 -11.64
N GLN B 236 -20.47 15.93 -12.57
CA GLN B 236 -21.09 15.70 -13.88
C GLN B 236 -20.43 14.52 -14.58
N LEU B 237 -19.10 14.43 -14.51
CA LEU B 237 -18.40 13.32 -15.11
C LEU B 237 -18.82 11.97 -14.46
N GLN B 238 -18.93 11.99 -13.14
CA GLN B 238 -19.39 10.81 -12.39
C GLN B 238 -20.81 10.42 -12.81
N GLU B 239 -21.74 11.37 -12.84
CA GLU B 239 -23.13 11.08 -13.20
C GLU B 239 -23.26 10.51 -14.63
N LYS B 240 -22.36 10.89 -15.52
CA LYS B 240 -22.35 10.41 -16.92
C LYS B 240 -21.59 9.11 -17.11
N GLY B 241 -21.07 8.53 -16.02
CA GLY B 241 -20.39 7.26 -16.07
C GLY B 241 -19.03 7.35 -16.72
N LEU B 242 -18.40 8.52 -16.64
CA LEU B 242 -17.13 8.78 -17.32
C LEU B 242 -15.90 8.52 -16.47
N ILE B 243 -16.09 8.34 -15.17
CA ILE B 243 -14.97 8.15 -14.27
C ILE B 243 -14.73 6.66 -14.02
N ASP B 244 -13.46 6.28 -14.05
CA ASP B 244 -12.96 5.00 -13.55
C ASP B 244 -13.69 4.62 -12.26
N LYS B 245 -14.37 3.47 -12.26
CA LYS B 245 -15.16 3.10 -11.06
C LYS B 245 -14.27 2.84 -9.85
N GLU B 246 -12.96 2.65 -10.03
CA GLU B 246 -12.02 2.49 -8.94
C GLU B 246 -11.21 3.75 -8.58
N ALA B 247 -11.57 4.90 -9.16
CA ALA B 247 -10.75 6.11 -9.02
C ALA B 247 -10.50 6.50 -7.55
N PHE B 248 -11.48 6.25 -6.68
CA PHE B 248 -11.35 6.58 -5.25
C PHE B 248 -10.77 5.44 -4.38
N GLU B 249 -10.43 4.31 -4.99
CA GLU B 249 -9.96 3.14 -4.23
C GLU B 249 -8.66 2.53 -4.70
N HIS B 250 -8.33 2.63 -5.98
CA HIS B 250 -7.14 1.94 -6.47
C HIS B 250 -5.83 2.60 -5.99
N ASP B 251 -4.75 1.87 -6.12
CA ASP B 251 -3.43 2.36 -5.76
C ASP B 251 -2.62 2.49 -7.04
N TRP B 252 -1.39 2.99 -6.89
CA TRP B 252 -0.50 3.21 -8.00
C TRP B 252 -0.26 1.95 -8.87
N ASN B 253 -0.09 0.78 -8.25
CA ASN B 253 0.14 -0.42 -9.05
C ASN B 253 -0.99 -0.75 -10.00
N SER B 254 -2.22 -0.60 -9.53
CA SER B 254 -3.39 -0.89 -10.33
C SER B 254 -3.57 0.17 -11.43
N TYR B 255 -3.33 1.43 -11.07
CA TYR B 255 -3.41 2.56 -12.02
C TYR B 255 -2.47 2.40 -13.18
N ILE B 256 -1.21 2.07 -12.90
CA ILE B 256 -0.26 1.90 -13.97
C ILE B 256 -0.47 0.61 -14.76
N ALA B 257 -1.12 -0.39 -14.16
CA ALA B 257 -1.45 -1.60 -14.91
C ALA B 257 -2.48 -1.22 -15.99
N LYS B 258 -3.52 -0.51 -15.59
CA LYS B 258 -4.51 0.03 -16.55
C LYS B 258 -3.88 0.99 -17.55
N GLY B 259 -2.98 1.83 -17.09
CA GLY B 259 -2.23 2.71 -17.99
C GLY B 259 -1.41 1.96 -19.02
N HIS B 260 -0.68 0.94 -18.58
CA HIS B 260 0.15 0.12 -19.47
C HIS B 260 -0.71 -0.51 -20.58
N ASP B 261 -1.91 -0.95 -20.22
CA ASP B 261 -2.90 -1.48 -21.16
C ASP B 261 -3.53 -0.39 -22.06
N GLN B 262 -3.20 0.89 -21.85
CA GLN B 262 -3.76 2.03 -22.56
C GLN B 262 -5.29 2.05 -22.50
N LYS B 263 -5.84 1.82 -21.31
CA LYS B 263 -7.31 1.88 -21.11
C LYS B 263 -7.86 3.26 -20.80
N PHE B 264 -7.00 4.25 -20.57
CA PHE B 264 -7.46 5.57 -20.13
C PHE B 264 -7.63 6.57 -21.28
N GLY B 265 -8.73 7.32 -21.28
CA GLY B 265 -8.88 8.43 -22.23
C GLY B 265 -8.09 9.64 -21.77
N VAL B 266 -8.37 10.08 -20.55
CA VAL B 266 -7.68 11.22 -19.87
C VAL B 266 -7.29 10.75 -18.49
N TYR B 267 -6.05 11.01 -18.10
CA TYR B 267 -5.58 10.69 -16.78
C TYR B 267 -4.51 11.68 -16.32
N PHE B 268 -4.09 11.54 -15.06
CA PHE B 268 -3.19 12.52 -14.43
C PHE B 268 -1.94 11.83 -13.92
N THR B 269 -0.76 12.40 -14.21
CA THR B 269 0.48 11.92 -13.62
C THR B 269 1.57 12.95 -13.84
N TRP B 270 2.71 12.77 -13.17
CA TRP B 270 3.87 13.64 -13.35
C TRP B 270 4.46 13.53 -14.75
N ASP B 271 4.66 12.28 -15.21
CA ASP B 271 5.28 12.04 -16.51
C ASP B 271 4.61 10.79 -17.10
N LYS B 272 4.00 10.95 -18.27
CA LYS B 272 3.26 9.85 -18.92
C LYS B 272 4.05 8.54 -19.04
N ASN B 273 5.37 8.68 -19.14
CA ASN B 273 6.27 7.55 -19.29
C ASN B 273 6.11 6.50 -18.20
N ASN B 274 5.76 6.94 -16.99
CA ASN B 274 5.58 6.06 -15.86
C ASN B 274 4.25 5.32 -15.83
N VAL B 275 3.27 5.74 -16.63
CA VAL B 275 1.91 5.20 -16.56
C VAL B 275 1.55 4.57 -17.89
N THR B 276 1.48 5.35 -18.96
CA THR B 276 1.14 4.82 -20.28
C THR B 276 2.34 4.47 -21.17
N GLY B 277 3.55 4.90 -20.78
CA GLY B 277 4.78 4.54 -21.45
C GLY B 277 5.33 5.57 -22.41
N SER B 278 6.46 5.23 -23.01
CA SER B 278 7.17 6.09 -23.90
C SER B 278 6.63 5.84 -25.28
N ASN B 279 5.59 6.59 -25.64
CA ASN B 279 4.96 6.47 -26.94
C ASN B 279 4.21 7.76 -27.28
N GLU B 280 3.72 7.81 -28.51
CA GLU B 280 2.99 8.96 -28.99
C GLU B 280 1.49 8.77 -28.89
N SER B 281 1.02 7.71 -28.20
CA SER B 281 -0.40 7.52 -28.02
C SER B 281 -1.02 8.56 -27.09
N TYR B 282 -0.22 9.12 -26.18
CA TYR B 282 -0.75 10.08 -25.20
C TYR B 282 0.01 11.36 -25.34
N ASP B 283 -0.68 12.49 -25.13
CA ASP B 283 0.03 13.78 -25.15
C ASP B 283 -0.60 14.67 -24.08
N VAL B 284 -0.07 15.86 -23.95
CA VAL B 284 -0.59 16.79 -22.95
C VAL B 284 -1.97 17.29 -23.33
N LEU B 285 -2.90 17.23 -22.38
CA LEU B 285 -4.18 17.86 -22.53
C LEU B 285 -3.96 19.38 -22.34
N PRO B 286 -4.23 20.21 -23.38
CA PRO B 286 -4.01 21.64 -23.18
C PRO B 286 -4.90 22.24 -22.12
N VAL B 287 -4.52 23.41 -21.62
CA VAL B 287 -5.29 24.08 -20.60
C VAL B 287 -6.67 24.39 -21.19
N LEU B 288 -7.72 24.04 -20.46
CA LEU B 288 -9.09 24.23 -20.93
C LEU B 288 -9.72 25.51 -20.39
N ALA B 289 -10.56 26.15 -21.22
CA ALA B 289 -11.38 27.25 -20.77
C ALA B 289 -12.57 26.67 -20.05
N GLY B 290 -12.97 27.24 -18.93
CA GLY B 290 -14.19 26.90 -18.22
C GLY B 290 -15.38 27.62 -18.81
N PRO B 291 -16.54 27.51 -18.17
CA PRO B 291 -17.75 28.18 -18.65
C PRO B 291 -17.59 29.70 -18.85
N SER B 292 -16.69 30.31 -18.07
CA SER B 292 -16.32 31.74 -18.24
C SER B 292 -15.65 32.11 -19.58
N GLY B 293 -15.11 31.13 -20.29
CA GLY B 293 -14.31 31.35 -21.46
C GLY B 293 -12.82 31.56 -21.17
N GLN B 294 -12.41 31.54 -19.88
CA GLN B 294 -11.08 31.94 -19.48
C GLN B 294 -10.30 30.73 -18.99
N LYS B 295 -9.00 30.86 -19.12
CA LYS B 295 -8.05 29.82 -18.79
C LYS B 295 -7.14 30.26 -17.65
N HIS B 296 -6.72 29.28 -16.85
CA HIS B 296 -5.83 29.52 -15.71
C HIS B 296 -5.16 28.23 -15.32
N VAL B 297 -3.93 28.36 -14.84
CA VAL B 297 -3.24 27.29 -14.17
C VAL B 297 -2.82 27.81 -12.77
N ALA B 298 -3.22 27.05 -11.73
CA ALA B 298 -2.82 27.35 -10.35
C ALA B 298 -1.40 26.84 -10.16
N ARG B 299 -0.56 27.67 -9.57
CA ARG B 299 0.78 27.26 -9.27
C ARG B 299 0.73 26.39 -8.00
N THR B 300 1.47 25.29 -8.04
CA THR B 300 1.78 24.60 -6.78
C THR B 300 2.75 25.48 -5.94
N ASN B 301 2.97 25.08 -4.69
CA ASN B 301 4.00 25.63 -3.87
C ASN B 301 5.27 24.79 -3.77
N GLY B 302 5.46 23.89 -4.73
CA GLY B 302 6.58 23.01 -4.75
C GLY B 302 7.85 23.76 -5.14
N MET B 303 8.96 23.28 -4.60
CA MET B 303 10.26 23.89 -4.88
C MET B 303 11.33 22.80 -4.70
N GLY B 304 12.40 22.90 -5.47
CA GLY B 304 13.53 22.00 -5.30
C GLY B 304 14.37 22.53 -4.15
N PHE B 305 13.87 22.33 -2.93
CA PHE B 305 14.49 22.85 -1.73
C PHE B 305 14.21 21.93 -0.56
N ALA B 306 15.26 21.50 0.13
CA ALA B 306 15.08 20.84 1.40
C ALA B 306 15.96 21.57 2.38
N ARG B 307 15.37 22.06 3.46
CA ARG B 307 16.07 22.93 4.43
C ARG B 307 17.32 22.28 5.07
N ASP B 308 17.25 20.97 5.29
CA ASP B 308 18.29 20.21 6.00
C ASP B 308 18.72 18.99 5.20
N LYS B 309 19.92 19.03 4.67
CA LYS B 309 20.60 17.80 4.30
C LYS B 309 21.96 17.74 5.00
N MET B 310 22.17 18.61 5.99
CA MET B 310 23.32 18.48 6.88
C MET B 310 23.09 19.31 8.13
N VAL B 311 23.36 18.75 9.30
CA VAL B 311 23.31 19.48 10.56
C VAL B 311 24.61 19.16 11.30
N ILE B 312 25.07 20.08 12.12
CA ILE B 312 26.29 19.90 12.92
C ILE B 312 25.86 19.72 14.37
N THR B 313 26.40 18.68 15.01
CA THR B 313 26.04 18.35 16.38
C THR B 313 26.87 19.12 17.41
N SER B 314 26.40 19.05 18.66
CA SER B 314 27.01 19.75 19.77
C SER B 314 28.35 19.14 20.20
N VAL B 315 28.66 17.94 19.72
CA VAL B 315 29.93 17.26 20.07
C VAL B 315 31.05 17.52 19.08
N ASN B 316 30.75 18.28 18.01
CA ASN B 316 31.76 18.59 17.00
C ASN B 316 32.78 19.57 17.56
N LYS B 317 34.04 19.17 17.56
CA LYS B 317 35.13 19.97 18.11
C LYS B 317 36.03 20.53 17.02
N ASN B 318 35.66 20.35 15.75
CA ASN B 318 36.41 20.92 14.63
C ASN B 318 35.41 21.68 13.70
N LEU B 319 34.85 22.77 14.19
CA LEU B 319 33.78 23.49 13.47
C LEU B 319 34.25 24.10 12.16
N GLU B 320 35.48 24.63 12.16
CA GLU B 320 36.05 25.24 10.95
C GLU B 320 36.30 24.20 9.87
N LEU B 321 36.93 23.10 10.25
CA LEU B 321 37.16 22.04 9.30
C LEU B 321 35.83 21.50 8.70
N THR B 322 34.82 21.38 9.55
CA THR B 322 33.53 20.84 9.14
C THR B 322 32.87 21.80 8.13
N ALA B 323 32.90 23.09 8.46
CA ALA B 323 32.33 24.10 7.60
C ALA B 323 33.06 24.19 6.26
N LYS B 324 34.39 24.06 6.27
CA LYS B 324 35.12 24.02 5.01
C LYS B 324 34.83 22.77 4.20
N TRP B 325 34.65 21.62 4.85
CA TRP B 325 34.28 20.40 4.12
C TRP B 325 32.90 20.58 3.48
N ILE B 326 31.98 21.18 4.24
CA ILE B 326 30.61 21.41 3.72
C ILE B 326 30.66 22.38 2.55
N ASP B 327 31.44 23.44 2.67
CA ASP B 327 31.54 24.39 1.60
C ASP B 327 32.05 23.83 0.28
N ALA B 328 32.93 22.83 0.35
CA ALA B 328 33.39 22.12 -0.84
C ALA B 328 32.27 21.45 -1.60
N GLN B 329 31.19 21.08 -0.91
CA GLN B 329 30.05 20.45 -1.56
C GLN B 329 29.25 21.46 -2.40
N TYR B 330 29.33 22.73 -2.03
CA TYR B 330 28.63 23.81 -2.73
C TYR B 330 29.40 24.37 -3.92
N ALA B 331 30.64 23.93 -4.16
CA ALA B 331 31.30 24.24 -5.46
C ALA B 331 30.40 23.68 -6.56
N PRO B 332 30.15 24.46 -7.65
CA PRO B 332 29.16 24.02 -8.65
C PRO B 332 29.31 22.61 -9.21
N LEU B 333 30.52 22.28 -9.68
CA LEU B 333 30.80 20.96 -10.23
C LEU B 333 30.64 19.88 -9.17
N GLN B 334 31.00 20.20 -7.94
CA GLN B 334 30.80 19.22 -6.84
C GLN B 334 29.31 19.02 -6.53
N SER B 335 28.53 20.11 -6.50
CA SER B 335 27.08 20.01 -6.24
C SER B 335 26.36 19.12 -7.26
N VAL B 336 26.66 19.35 -8.54
CA VAL B 336 26.09 18.60 -9.63
C VAL B 336 26.36 17.11 -9.47
N GLN B 337 27.61 16.74 -9.22
CA GLN B 337 27.95 15.33 -9.05
C GLN B 337 27.33 14.69 -7.82
N ASN B 338 27.42 15.39 -6.68
CA ASN B 338 26.80 14.88 -5.45
C ASN B 338 25.34 14.56 -5.66
N ASN B 339 24.66 15.38 -6.45
CA ASN B 339 23.24 15.19 -6.72
C ASN B 339 22.93 14.05 -7.70
N TRP B 340 23.74 13.93 -8.74
CA TRP B 340 23.39 13.08 -9.89
C TRP B 340 24.31 11.93 -10.30
N GLY B 341 25.59 11.98 -9.93
CA GLY B 341 26.52 10.94 -10.31
C GLY B 341 27.86 11.53 -10.69
N THR B 342 28.70 10.73 -11.34
CA THR B 342 30.05 11.21 -11.62
C THR B 342 30.58 10.75 -12.98
N TYR B 343 31.86 11.03 -13.20
CA TYR B 343 32.54 10.73 -14.46
C TYR B 343 33.77 9.90 -14.18
N GLY B 344 34.26 9.22 -15.22
CA GLY B 344 35.63 8.71 -15.22
C GLY B 344 35.91 7.39 -14.52
N ASP B 345 34.88 6.67 -14.13
CA ASP B 345 35.08 5.35 -13.57
C ASP B 345 35.26 4.33 -14.71
N ASP B 346 36.31 3.48 -14.61
CA ASP B 346 36.49 2.37 -15.57
C ASP B 346 35.96 1.03 -15.05
N LYS B 347 35.33 1.04 -13.86
CA LYS B 347 34.78 -0.16 -13.21
C LYS B 347 33.26 -0.31 -13.38
N GLN B 348 32.58 0.79 -13.68
CA GLN B 348 31.15 0.74 -13.97
C GLN B 348 30.79 1.91 -14.88
N GLN B 349 29.54 1.97 -15.30
CA GLN B 349 29.07 3.09 -16.13
C GLN B 349 29.13 4.41 -15.37
N ASN B 350 28.98 5.50 -16.11
CA ASN B 350 29.06 6.85 -15.58
C ASN B 350 27.87 7.68 -16.05
N ILE B 351 27.30 8.44 -15.13
CA ILE B 351 26.26 9.42 -15.43
C ILE B 351 26.80 10.53 -16.35
N PHE B 352 28.03 10.95 -16.11
CA PHE B 352 28.64 12.07 -16.80
C PHE B 352 29.97 11.70 -17.47
N GLU B 353 30.33 12.52 -18.45
CA GLU B 353 31.71 12.72 -18.84
C GLU B 353 32.06 14.16 -18.53
N LEU B 354 33.28 14.38 -18.07
CA LEU B 354 33.81 15.73 -17.89
C LEU B 354 34.50 16.16 -19.19
N ASP B 355 34.01 17.22 -19.80
CA ASP B 355 34.66 17.86 -20.95
C ASP B 355 35.79 18.76 -20.42
N GLN B 356 37.04 18.33 -20.64
CA GLN B 356 38.23 19.07 -20.18
C GLN B 356 38.31 20.51 -20.75
N ALA B 357 37.84 20.71 -21.98
CA ALA B 357 37.93 22.01 -22.64
C ALA B 357 37.07 23.05 -21.94
N SER B 358 35.78 22.75 -21.81
CA SER B 358 34.87 23.61 -21.05
C SER B 358 34.97 23.43 -19.52
N ASN B 359 35.52 22.30 -19.06
CA ASN B 359 35.46 21.89 -17.64
C ASN B 359 33.99 21.86 -17.18
N SER B 360 33.18 21.11 -17.90
CA SER B 360 31.77 20.99 -17.57
C SER B 360 31.37 19.55 -17.72
N LEU B 361 30.26 19.21 -17.09
CA LEU B 361 29.73 17.86 -17.13
C LEU B 361 28.70 17.74 -18.23
N LYS B 362 28.72 16.61 -18.94
CA LYS B 362 27.72 16.28 -19.94
C LYS B 362 27.15 14.93 -19.60
N HIS B 363 25.82 14.83 -19.59
CA HIS B 363 25.18 13.56 -19.34
C HIS B 363 25.51 12.62 -20.48
N LEU B 364 25.77 11.36 -20.15
CA LEU B 364 26.01 10.30 -21.14
C LEU B 364 24.79 9.41 -21.26
N PRO B 365 24.61 8.74 -22.41
CA PRO B 365 23.51 7.78 -22.53
C PRO B 365 23.85 6.52 -21.74
N LEU B 366 22.83 5.86 -21.20
CA LEU B 366 23.03 4.69 -20.33
C LEU B 366 22.34 3.44 -20.88
N ASN B 367 22.70 2.29 -20.31
CA ASN B 367 22.15 0.99 -20.71
C ASN B 367 22.23 -0.07 -19.61
N GLY B 368 21.63 -1.23 -19.87
CA GLY B 368 21.62 -2.34 -18.92
C GLY B 368 20.81 -1.97 -17.70
N THR B 369 21.39 -2.22 -16.52
CA THR B 369 20.78 -1.82 -15.24
C THR B 369 20.98 -0.32 -14.84
N ALA B 370 21.90 0.37 -15.51
CA ALA B 370 22.29 1.74 -15.13
C ALA B 370 21.17 2.79 -15.13
N PRO B 371 20.24 2.73 -16.11
CA PRO B 371 19.08 3.63 -16.05
C PRO B 371 18.32 3.62 -14.72
N ALA B 372 18.12 2.45 -14.15
CA ALA B 372 17.35 2.29 -12.90
C ALA B 372 18.18 2.49 -11.61
N GLU B 373 19.48 2.25 -11.67
CA GLU B 373 20.29 2.03 -10.47
C GLU B 373 21.53 2.90 -10.33
N LEU B 374 22.07 3.43 -11.42
CA LEU B 374 23.42 4.00 -11.39
C LEU B 374 23.48 5.27 -10.54
N ARG B 375 22.42 6.10 -10.61
CA ARG B 375 22.39 7.32 -9.77
C ARG B 375 22.50 6.93 -8.30
N GLN B 376 21.63 6.02 -7.86
CA GLN B 376 21.62 5.55 -6.47
C GLN B 376 22.97 4.95 -6.02
N LYS B 377 23.68 4.28 -6.92
CA LYS B 377 24.99 3.71 -6.63
C LYS B 377 26.09 4.73 -6.54
N THR B 378 25.97 5.86 -7.25
CA THR B 378 27.10 6.80 -7.38
C THR B 378 26.92 8.22 -6.81
N GLU B 379 25.67 8.64 -6.61
CA GLU B 379 25.37 9.92 -5.95
C GLU B 379 25.76 9.86 -4.49
N VAL B 380 25.88 11.04 -3.91
CA VAL B 380 26.17 11.19 -2.50
C VAL B 380 25.05 11.89 -1.71
N GLY B 381 24.27 12.75 -2.36
CA GLY B 381 23.29 13.53 -1.64
C GLY B 381 23.97 14.57 -0.81
N GLY B 382 23.38 14.88 0.32
CA GLY B 382 23.90 15.89 1.20
C GLY B 382 23.58 17.31 0.75
N PRO B 383 24.19 18.28 1.41
CA PRO B 383 23.93 19.67 1.15
C PRO B 383 24.64 20.09 -0.15
N LEU B 384 23.92 20.76 -1.05
CA LEU B 384 24.46 21.09 -2.33
C LEU B 384 23.52 22.13 -2.95
N ALA B 385 24.03 22.84 -3.96
CA ALA B 385 23.20 23.72 -4.77
C ALA B 385 23.45 23.62 -6.26
N ILE B 386 22.35 23.50 -7.02
CA ILE B 386 22.36 23.58 -8.47
C ILE B 386 21.36 24.67 -8.85
N LEU B 387 21.88 25.77 -9.39
CA LEU B 387 21.08 26.89 -9.82
C LEU B 387 20.77 26.79 -11.32
N ASP B 388 19.69 27.43 -11.74
CA ASP B 388 19.23 27.35 -13.10
C ASP B 388 20.29 27.93 -14.05
N SER B 389 21.06 28.90 -13.58
CA SER B 389 22.18 29.46 -14.33
C SER B 389 23.32 28.47 -14.63
N TYR B 390 23.34 27.31 -13.97
CA TYR B 390 24.39 26.33 -14.19
C TYR B 390 24.22 25.55 -15.50
N TYR B 391 23.01 25.48 -16.04
CA TYR B 391 22.81 24.63 -17.20
C TYR B 391 23.41 25.30 -18.43
N GLY B 392 24.13 24.51 -19.22
CA GLY B 392 24.89 25.03 -20.36
C GLY B 392 26.20 25.72 -20.00
N LYS B 393 26.60 25.70 -18.72
CA LYS B 393 27.87 26.30 -18.25
C LYS B 393 28.64 25.25 -17.44
N VAL B 394 28.02 24.82 -16.34
CA VAL B 394 28.61 23.81 -15.44
C VAL B 394 28.19 22.43 -15.86
N THR B 395 26.94 22.26 -16.31
CA THR B 395 26.41 20.95 -16.61
C THR B 395 25.27 21.01 -17.62
N THR B 396 25.05 19.90 -18.29
CA THR B 396 23.83 19.68 -19.03
C THR B 396 22.69 19.40 -18.05
N MET B 397 21.46 19.64 -18.51
CA MET B 397 20.29 19.28 -17.77
C MET B 397 19.89 17.85 -18.14
N PRO B 398 19.40 17.05 -17.16
CA PRO B 398 18.85 15.76 -17.50
C PRO B 398 17.76 15.85 -18.57
N ASP B 399 17.79 14.92 -19.51
CA ASP B 399 16.91 14.97 -20.67
C ASP B 399 15.44 14.94 -20.28
N ASP B 400 15.10 14.10 -19.31
CA ASP B 400 13.70 13.98 -18.88
C ASP B 400 13.21 15.27 -18.21
N ALA B 401 14.08 15.94 -17.47
CA ALA B 401 13.72 17.24 -16.89
C ALA B 401 13.55 18.29 -17.97
N LYS B 402 14.49 18.35 -18.92
CA LYS B 402 14.39 19.28 -20.06
C LYS B 402 13.09 19.08 -20.83
N TRP B 403 12.74 17.82 -21.11
CA TRP B 403 11.48 17.49 -21.76
C TRP B 403 10.25 18.02 -21.00
N ARG B 404 10.19 17.75 -19.71
CA ARG B 404 9.06 18.22 -18.87
C ARG B 404 9.03 19.77 -18.77
N LEU B 405 10.18 20.41 -18.63
CA LEU B 405 10.25 21.89 -18.56
C LEU B 405 9.74 22.52 -19.81
N ASP B 406 10.01 21.90 -20.97
CA ASP B 406 9.54 22.45 -22.23
C ASP B 406 8.01 22.30 -22.32
N LEU B 407 7.48 21.18 -21.85
CA LEU B 407 6.02 21.00 -21.84
C LEU B 407 5.33 22.08 -20.93
N ILE B 408 5.87 22.28 -19.76
CA ILE B 408 5.35 23.27 -18.80
C ILE B 408 5.35 24.66 -19.45
N LYS B 409 6.46 25.00 -20.08
CA LYS B 409 6.60 26.30 -20.74
C LYS B 409 5.60 26.49 -21.89
N GLU B 410 5.49 25.46 -22.74
CA GLU B 410 4.58 25.49 -23.91
C GLU B 410 3.09 25.56 -23.50
N TYR B 411 2.67 24.75 -22.56
CA TYR B 411 1.25 24.60 -22.28
C TYR B 411 0.75 25.40 -21.09
N TYR B 412 1.56 25.58 -20.07
CA TYR B 412 1.00 26.10 -18.79
C TYR B 412 1.41 27.48 -18.41
N VAL B 413 2.67 27.80 -18.61
CA VAL B 413 3.22 29.10 -18.18
C VAL B 413 2.38 30.31 -18.65
N PRO B 414 1.86 30.28 -19.89
CA PRO B 414 1.08 31.43 -20.39
C PRO B 414 -0.18 31.76 -19.55
N TYR B 415 -0.64 30.77 -18.81
CA TYR B 415 -1.84 30.84 -18.01
C TYR B 415 -1.58 30.88 -16.52
N MET B 416 -0.33 30.86 -16.10
CA MET B 416 0.00 31.07 -14.70
C MET B 416 0.02 32.56 -14.36
N SER B 417 -1.13 33.10 -14.05
CA SER B 417 -1.23 34.54 -13.86
C SER B 417 -0.78 35.05 -12.49
N ASN B 418 -0.47 34.15 -11.55
CA ASN B 418 -0.08 34.58 -10.20
C ASN B 418 1.43 34.86 -10.14
N VAL B 419 1.78 36.09 -9.74
CA VAL B 419 3.17 36.54 -9.65
C VAL B 419 3.95 35.60 -8.71
N ASN B 420 3.29 35.19 -7.61
CA ASN B 420 3.95 34.45 -6.54
C ASN B 420 3.27 33.17 -6.22
N ASN B 421 4.02 32.23 -5.70
CA ASN B 421 3.41 31.08 -4.97
C ASN B 421 3.79 31.23 -3.48
N TYR B 422 3.43 30.26 -2.66
CA TYR B 422 3.70 30.34 -1.23
C TYR B 422 5.13 29.86 -0.89
N PRO B 423 5.98 30.73 -0.32
CA PRO B 423 7.43 30.37 -0.09
C PRO B 423 7.61 29.28 0.99
N ARG B 424 8.75 28.60 0.96
CA ARG B 424 9.01 27.52 1.92
C ARG B 424 9.57 28.10 3.25
N VAL B 425 8.78 28.92 3.91
CA VAL B 425 9.19 29.63 5.10
C VAL B 425 9.46 28.72 6.29
N PHE B 426 10.40 29.14 7.15
CA PHE B 426 10.76 28.44 8.37
C PHE B 426 10.04 29.09 9.56
N MET B 427 9.05 28.39 10.08
CA MET B 427 8.21 28.94 11.14
C MET B 427 8.80 28.64 12.52
N THR B 428 8.37 29.40 13.52
CA THR B 428 8.65 29.08 14.94
C THR B 428 8.08 27.70 15.28
N GLN B 429 8.64 27.06 16.31
CA GLN B 429 8.09 25.82 16.80
C GLN B 429 6.61 25.97 17.20
N GLU B 430 6.26 27.05 17.85
CA GLU B 430 4.87 27.29 18.26
C GLU B 430 3.94 27.27 17.02
N ASP B 431 4.32 28.05 16.01
CA ASP B 431 3.51 28.13 14.78
C ASP B 431 3.54 26.84 13.96
N LEU B 432 4.67 26.13 13.91
CA LEU B 432 4.71 24.78 13.31
C LEU B 432 3.69 23.85 13.96
N ASP B 433 3.62 23.93 15.29
CA ASP B 433 2.70 23.04 16.02
C ASP B 433 1.25 23.44 15.76
N LYS B 434 0.96 24.72 15.70
CA LYS B 434 -0.39 25.19 15.41
C LYS B 434 -0.85 24.79 14.00
N ILE B 435 0.04 24.97 13.04
CA ILE B 435 -0.26 24.61 11.63
C ILE B 435 -0.43 23.08 11.50
N ALA B 436 0.42 22.30 12.16
CA ALA B 436 0.31 20.85 12.10
C ALA B 436 -1.04 20.32 12.66
N HIS B 437 -1.52 20.94 13.74
CA HIS B 437 -2.78 20.59 14.37
C HIS B 437 -3.93 20.86 13.44
N ILE B 438 -3.91 22.04 12.85
CA ILE B 438 -5.02 22.44 11.98
C ILE B 438 -5.07 21.45 10.79
N GLU B 439 -3.90 21.18 10.21
CA GLU B 439 -3.81 20.27 9.06
C GLU B 439 -4.24 18.85 9.41
N ALA B 440 -3.81 18.35 10.56
CA ALA B 440 -4.25 17.05 11.04
C ALA B 440 -5.78 17.02 11.22
N ASP B 441 -6.37 18.11 11.70
CA ASP B 441 -7.81 18.14 11.88
C ASP B 441 -8.60 18.20 10.58
N MET B 442 -8.14 18.99 9.59
CA MET B 442 -8.98 19.29 8.43
C MET B 442 -8.63 18.61 7.09
N ASN B 443 -7.38 18.19 6.91
CA ASN B 443 -6.95 17.77 5.57
C ASN B 443 -7.69 16.57 5.04
N ASP B 444 -7.81 15.52 5.86
CA ASP B 444 -8.57 14.34 5.43
C ASP B 444 -10.02 14.68 5.20
N TYR B 445 -10.57 15.56 6.05
CA TYR B 445 -11.95 15.99 5.94
C TYR B 445 -12.26 16.67 4.59
N ILE B 446 -11.35 17.54 4.17
CA ILE B 446 -11.46 18.24 2.88
C ILE B 446 -11.59 17.24 1.75
N TYR B 447 -10.75 16.23 1.74
CA TYR B 447 -10.83 15.24 0.68
C TYR B 447 -12.03 14.30 0.84
N ARG B 448 -12.46 14.02 2.06
CA ARG B 448 -13.62 13.13 2.26
C ARG B 448 -14.85 13.79 1.67
N LYS B 449 -15.04 15.06 1.95
CA LYS B 449 -16.19 15.77 1.43
C LYS B 449 -16.18 15.87 -0.08
N ARG B 450 -14.99 16.15 -0.64
CA ARG B 450 -14.83 16.26 -2.08
C ARG B 450 -15.26 14.95 -2.73
N ALA B 451 -14.78 13.83 -2.21
CA ALA B 451 -15.10 12.51 -2.75
C ALA B 451 -16.61 12.21 -2.60
N GLU B 452 -17.19 12.51 -1.43
CA GLU B 452 -18.64 12.31 -1.19
C GLU B 452 -19.48 13.10 -2.16
N TRP B 453 -19.08 14.34 -2.42
CA TRP B 453 -19.80 15.16 -3.35
C TRP B 453 -19.75 14.66 -4.77
N ILE B 454 -18.65 14.03 -5.16
CA ILE B 454 -18.53 13.52 -6.53
C ILE B 454 -19.30 12.20 -6.65
N VAL B 455 -19.17 11.32 -5.66
CA VAL B 455 -19.77 9.99 -5.74
C VAL B 455 -21.27 10.05 -5.44
N ASN B 456 -21.67 10.83 -4.45
CA ASN B 456 -23.06 10.83 -4.01
C ASN B 456 -23.85 12.07 -4.30
N GLY B 457 -23.18 13.20 -4.55
CA GLY B 457 -23.86 14.44 -4.77
C GLY B 457 -24.00 15.23 -3.48
N ASN B 458 -24.97 16.15 -3.50
CA ASN B 458 -25.37 16.98 -2.36
C ASN B 458 -24.47 18.14 -1.98
N ILE B 459 -23.52 18.53 -2.83
CA ILE B 459 -22.67 19.69 -2.46
C ILE B 459 -23.52 20.94 -2.17
N ASP B 460 -24.60 21.17 -2.92
CA ASP B 460 -25.38 22.41 -2.73
C ASP B 460 -26.01 22.52 -1.33
N THR B 461 -26.46 21.40 -0.76
CA THR B 461 -27.04 21.42 0.59
C THR B 461 -26.00 21.29 1.70
N GLU B 462 -24.78 20.91 1.38
CA GLU B 462 -23.74 20.67 2.40
C GLU B 462 -22.63 21.71 2.45
N TRP B 463 -22.59 22.61 1.47
CA TRP B 463 -21.44 23.50 1.23
C TRP B 463 -21.28 24.51 2.36
N ASP B 464 -22.35 25.20 2.75
CA ASP B 464 -22.26 26.22 3.82
C ASP B 464 -21.82 25.59 5.16
N ASP B 465 -22.39 24.43 5.48
CA ASP B 465 -22.03 23.70 6.69
C ASP B 465 -20.56 23.24 6.69
N TYR B 466 -20.10 22.74 5.56
CA TYR B 466 -18.67 22.46 5.33
C TYR B 466 -17.74 23.64 5.60
N LYS B 467 -18.09 24.81 5.11
CA LYS B 467 -17.29 26.00 5.37
C LYS B 467 -17.31 26.39 6.86
N LYS B 468 -18.46 26.23 7.51
CA LYS B 468 -18.54 26.34 8.99
C LYS B 468 -17.63 25.35 9.74
N GLU B 469 -17.56 24.09 9.30
CA GLU B 469 -16.66 23.12 9.89
C GLU B 469 -15.19 23.52 9.75
N LEU B 470 -14.81 24.00 8.59
CA LEU B 470 -13.44 24.48 8.39
C LEU B 470 -13.09 25.62 9.35
N GLU B 471 -14.02 26.53 9.57
CA GLU B 471 -13.77 27.56 10.57
C GLU B 471 -13.69 27.00 12.00
N LYS B 472 -14.54 26.03 12.36
CA LYS B 472 -14.38 25.35 13.67
C LYS B 472 -13.02 24.69 13.85
N TYR B 473 -12.49 24.10 12.78
CA TYR B 473 -11.12 23.58 12.78
C TYR B 473 -10.02 24.67 12.76
N GLY B 474 -10.36 25.96 12.69
CA GLY B 474 -9.33 27.02 12.75
C GLY B 474 -8.82 27.61 11.44
N LEU B 475 -9.59 27.52 10.35
CA LEU B 475 -9.16 28.04 9.05
C LEU B 475 -8.72 29.51 9.10
N SER B 476 -9.47 30.38 9.80
CA SER B 476 -9.08 31.80 9.83
C SER B 476 -7.74 32.00 10.52
N ASP B 477 -7.48 31.24 11.58
CA ASP B 477 -6.18 31.26 12.23
C ASP B 477 -5.07 30.69 11.35
N TYR B 478 -5.37 29.60 10.65
CA TYR B 478 -4.42 29.04 9.69
C TYR B 478 -3.93 30.08 8.68
N LEU B 479 -4.89 30.78 8.09
CA LEU B 479 -4.60 31.79 7.07
C LEU B 479 -3.89 33.00 7.64
N ALA B 480 -4.25 33.42 8.84
CA ALA B 480 -3.56 34.51 9.51
C ALA B 480 -2.06 34.19 9.79
N ILE B 481 -1.77 32.98 10.18
CA ILE B 481 -0.39 32.53 10.38
C ILE B 481 0.36 32.48 9.03
N LYS B 482 -0.26 31.86 8.03
CA LYS B 482 0.34 31.81 6.69
C LYS B 482 0.61 33.21 6.15
N GLN B 483 -0.35 34.11 6.32
CA GLN B 483 -0.19 35.50 5.89
C GLN B 483 0.91 36.23 6.62
N LYS B 484 1.03 35.99 7.91
CA LYS B 484 2.09 36.63 8.70
C LYS B 484 3.49 36.26 8.16
N TYR B 485 3.72 34.98 7.91
CA TYR B 485 5.01 34.55 7.43
C TYR B 485 5.25 35.02 5.98
N TYR B 486 4.20 35.02 5.17
CA TYR B 486 4.31 35.57 3.81
C TYR B 486 4.79 37.02 3.82
N ASP B 487 4.14 37.83 4.65
CA ASP B 487 4.46 39.25 4.79
C ASP B 487 5.93 39.44 5.23
N GLN B 488 6.35 38.66 6.22
CA GLN B 488 7.73 38.70 6.72
C GLN B 488 8.79 38.23 5.68
N TYR B 489 8.41 37.27 4.84
CA TYR B 489 9.30 36.78 3.78
C TYR B 489 9.51 37.90 2.74
N GLN B 490 8.44 38.59 2.37
CA GLN B 490 8.56 39.78 1.50
C GLN B 490 9.53 40.86 2.00
N ALA B 491 9.63 41.03 3.32
CA ALA B 491 10.64 41.92 3.91
C ALA B 491 12.06 41.36 3.87
N ASN B 492 12.23 40.05 3.97
CA ASN B 492 13.56 39.45 4.16
C ASN B 492 14.22 38.79 2.93
N LYS B 493 13.46 38.60 1.86
CA LYS B 493 13.95 37.80 0.72
C LYS B 493 15.07 38.44 -0.12
N ASN B 494 15.33 39.74 0.07
CA ASN B 494 16.24 40.50 -0.80
C ASN B 494 17.64 40.56 -0.23
#